data_5SN6
#
_entry.id   5SN6
#
_cell.length_a   138.139
_cell.length_b   65.768
_cell.length_c   84.530
_cell.angle_alpha   90.000
_cell.angle_beta   93.790
_cell.angle_gamma   90.000
#
_symmetry.space_group_name_H-M   'C 1 2 1'
#
loop_
_entity.id
_entity.type
_entity.pdbx_description
1 polymer '3-oxoacyl-[acyl-carrier-protein] synthase 2'
2 non-polymer ~{N}-(4-fluorophenyl)-2-pyrrolidin-1-yl-ethanamide
3 non-polymer 'DIMETHYL SULFOXIDE'
4 non-polymer 'PHOSPHATE ION'
5 water water
#
_entity_poly.entity_id   1
_entity_poly.type   'polypeptide(L)'
_entity_poly.pdbx_seq_one_letter_code
;MSRRRVVITGMGMLSPLGLDVPSSWEGILAGRSGIAPIEHMDLSAYSTRFGGSVKGFNVEEYLSAKEARKLDLFIQYGLA
ASFQAVRDSGLEVTDANRERIGVSMGSGIGGLTNIENNCRSLFEQGPRRISPFFVPGSIINMVSGFLSIHLGLQGPNYAL
TTAQTTGTHSIGMAARNIAYGEADVMVAGGSEMAACGLGLGGFGAARALSTRNDEPTRASRPWDRDRDGFVLSDGSGALV
LEELEHARARGARIYAELVGFGMSGDAFHMTAPPEDGAGAARCMKNALRDAGLDPRQVDYINAHGTSTPAGDIAEIAAVK
SVFGEHAHALSMSSTKSMTGHLLGAAGAVEAIFSVLALRDQVAPPTINLDNPDEGCDLDLVAHEAKPRKIDVALSNSFGF
GGTNGTLVFRRFAD
;
_entity_poly.pdbx_strand_id   A,B
#
loop_
_chem_comp.id
_chem_comp.type
_chem_comp.name
_chem_comp.formula
DMS non-polymer 'DIMETHYL SULFOXIDE' 'C2 H6 O S'
EJQ non-polymer ~{N}-(4-fluorophenyl)-2-pyrrolidin-1-yl-ethanamide 'C12 H15 F N2 O'
PO4 non-polymer 'PHOSPHATE ION' 'O4 P -3'
#
# COMPACT_ATOMS: atom_id res chain seq x y z
N SER A 2 9.31 -22.87 10.73
CA SER A 2 10.26 -21.89 11.36
C SER A 2 10.93 -21.03 10.28
N ARG A 3 11.46 -19.86 10.67
CA ARG A 3 11.80 -18.74 9.77
C ARG A 3 12.91 -19.12 8.77
N ARG A 4 12.66 -18.96 7.47
CA ARG A 4 13.63 -19.31 6.41
C ARG A 4 14.53 -18.11 6.10
N ARG A 5 15.69 -18.37 5.50
CA ARG A 5 16.66 -17.30 5.15
C ARG A 5 16.31 -16.76 3.76
N VAL A 6 16.63 -15.48 3.54
CA VAL A 6 16.21 -14.74 2.32
C VAL A 6 17.41 -14.08 1.68
N VAL A 7 17.63 -14.35 0.38
CA VAL A 7 18.79 -13.78 -0.36
C VAL A 7 18.29 -12.97 -1.56
N ILE A 8 19.18 -12.12 -2.07
CA ILE A 8 18.94 -11.25 -3.24
C ILE A 8 19.63 -11.93 -4.42
N THR A 9 18.85 -12.25 -5.45
CA THR A 9 19.33 -13.00 -6.64
C THR A 9 19.19 -12.15 -7.90
N GLY A 10 18.48 -11.02 -7.86
CA GLY A 10 18.27 -10.19 -9.06
C GLY A 10 17.94 -8.77 -8.67
N MET A 11 18.37 -7.78 -9.45
CA MET A 11 18.07 -6.37 -9.16
C MET A 11 17.87 -5.63 -10.47
N GLY A 12 17.02 -4.61 -10.44
CA GLY A 12 16.70 -3.77 -11.60
C GLY A 12 16.40 -2.36 -11.17
N MET A 13 16.62 -1.39 -12.05
CA MET A 13 16.57 0.03 -11.66
C MET A 13 16.38 0.94 -12.88
N LEU A 14 15.53 1.95 -12.71
CA LEU A 14 15.61 3.26 -13.43
C LEU A 14 15.90 4.35 -12.38
N SER A 15 16.93 5.17 -12.62
CA SER A 15 17.27 6.29 -11.73
C SER A 15 17.63 7.50 -12.57
N PRO A 16 17.82 8.68 -11.93
CA PRO A 16 18.38 9.83 -12.61
C PRO A 16 19.82 9.63 -13.10
N LEU A 17 20.49 8.56 -12.70
CA LEU A 17 21.89 8.33 -13.11
C LEU A 17 21.99 7.25 -14.20
N GLY A 18 20.93 6.49 -14.50
CA GLY A 18 21.04 5.42 -15.51
C GLY A 18 19.75 4.63 -15.74
N LEU A 19 19.66 3.91 -16.88
CA LEU A 19 18.45 3.13 -17.25
C LEU A 19 18.61 1.67 -16.78
N ASP A 20 19.60 1.40 -15.91
CA ASP A 20 19.72 0.10 -15.22
C ASP A 20 20.60 0.24 -13.96
N VAL A 21 20.86 -0.88 -13.30
CA VAL A 21 21.69 -0.94 -12.07
C VAL A 21 23.13 -0.56 -12.39
N PRO A 22 23.85 -1.28 -13.30
CA PRO A 22 25.28 -1.03 -13.48
C PRO A 22 25.61 0.43 -13.86
N SER A 23 24.80 1.04 -14.75
CA SER A 23 25.03 2.44 -15.22
C SER A 23 24.76 3.40 -14.05
N SER A 24 23.71 3.12 -13.27
CA SER A 24 23.37 3.92 -12.08
C SER A 24 24.53 3.87 -11.07
N TRP A 25 25.03 2.67 -10.78
CA TRP A 25 26.11 2.39 -9.79
C TRP A 25 27.43 3.08 -10.19
N GLU A 26 27.79 3.02 -11.48
N GLU A 26 27.79 3.02 -11.48
CA GLU A 26 28.95 3.75 -12.07
CA GLU A 26 28.95 3.76 -12.06
C GLU A 26 28.83 5.23 -11.71
C GLU A 26 28.83 5.23 -11.70
N GLY A 27 27.65 5.83 -11.90
CA GLY A 27 27.39 7.23 -11.55
C GLY A 27 27.56 7.49 -10.05
N ILE A 28 27.01 6.60 -9.21
CA ILE A 28 27.11 6.67 -7.72
C ILE A 28 28.59 6.68 -7.30
N LEU A 29 29.40 5.78 -7.84
CA LEU A 29 30.82 5.60 -7.39
C LEU A 29 31.68 6.75 -7.91
N ALA A 30 31.27 7.45 -8.98
CA ALA A 30 32.04 8.57 -9.56
C ALA A 30 31.54 9.91 -8.99
N GLY A 31 30.53 9.88 -8.13
CA GLY A 31 30.02 11.10 -7.50
C GLY A 31 29.26 11.97 -8.48
N ARG A 32 28.64 11.38 -9.50
CA ARG A 32 27.92 12.13 -10.55
C ARG A 32 26.51 12.51 -10.03
N SER A 33 26.05 13.74 -10.29
CA SER A 33 24.66 14.23 -10.04
C SER A 33 23.75 13.85 -11.22
N GLY A 34 22.53 13.38 -10.90
CA GLY A 34 21.47 13.14 -11.90
C GLY A 34 20.48 14.30 -11.92
N ILE A 35 20.76 15.41 -11.25
CA ILE A 35 19.79 16.51 -11.03
C ILE A 35 19.99 17.58 -12.11
N ALA A 36 18.90 18.08 -12.68
CA ALA A 36 18.91 19.03 -13.81
C ALA A 36 17.58 19.75 -13.90
N PRO A 37 17.55 20.93 -14.55
CA PRO A 37 16.30 21.62 -14.82
C PRO A 37 15.39 20.62 -15.53
N ILE A 38 14.14 20.60 -15.15
CA ILE A 38 13.14 19.68 -15.72
C ILE A 38 12.75 20.21 -17.10
N GLU A 39 12.76 19.32 -18.09
CA GLU A 39 12.48 19.67 -19.51
C GLU A 39 11.08 19.23 -19.97
N HIS A 40 10.39 18.31 -19.27
CA HIS A 40 9.13 17.70 -19.79
C HIS A 40 7.91 18.60 -19.53
N MET A 41 8.07 19.74 -18.86
CA MET A 41 6.97 20.73 -18.66
C MET A 41 7.54 22.11 -18.32
N ASP A 42 6.72 23.14 -18.41
CA ASP A 42 7.04 24.56 -18.13
C ASP A 42 6.93 24.85 -16.63
N LEU A 43 8.05 25.12 -15.94
CA LEU A 43 8.02 25.34 -14.46
C LEU A 43 8.28 26.81 -14.10
N SER A 44 8.15 27.77 -15.02
CA SER A 44 8.53 29.18 -14.75
C SER A 44 7.71 29.73 -13.56
N ALA A 45 6.47 29.30 -13.36
CA ALA A 45 5.61 29.80 -12.25
C ALA A 45 5.91 29.07 -10.92
N TYR A 46 6.77 28.05 -10.93
CA TYR A 46 7.05 27.19 -9.74
C TYR A 46 8.28 27.71 -8.98
N SER A 47 8.37 27.49 -7.66
CA SER A 47 9.54 27.94 -6.86
C SER A 47 10.71 26.95 -7.02
N THR A 48 10.46 25.74 -7.54
CA THR A 48 11.48 24.72 -7.85
C THR A 48 11.27 24.23 -9.27
N ARG A 49 12.32 24.28 -10.08
CA ARG A 49 12.24 24.04 -11.54
C ARG A 49 13.18 22.92 -11.97
N PHE A 50 13.70 22.13 -11.03
CA PHE A 50 14.67 21.05 -11.33
C PHE A 50 14.31 19.81 -10.49
N GLY A 51 14.96 18.70 -10.80
CA GLY A 51 14.76 17.41 -10.11
C GLY A 51 15.57 16.33 -10.81
N GLY A 52 15.48 15.09 -10.32
CA GLY A 52 16.16 13.95 -10.96
C GLY A 52 15.17 13.24 -11.87
N SER A 53 15.23 13.54 -13.16
CA SER A 53 14.39 12.91 -14.21
C SER A 53 15.07 11.62 -14.65
N VAL A 54 14.31 10.63 -15.09
CA VAL A 54 14.90 9.48 -15.83
C VAL A 54 15.15 9.98 -17.25
N LYS A 55 16.36 9.85 -17.77
CA LYS A 55 16.74 10.41 -19.10
C LYS A 55 16.76 9.28 -20.14
N GLY A 56 16.06 9.46 -21.24
CA GLY A 56 16.14 8.58 -22.41
C GLY A 56 15.46 7.24 -22.17
N PHE A 57 14.47 7.20 -21.29
CA PHE A 57 13.71 5.96 -21.04
C PHE A 57 12.90 5.62 -22.30
N ASN A 58 13.12 4.43 -22.83
CA ASN A 58 12.34 3.90 -23.98
C ASN A 58 11.48 2.73 -23.50
N VAL A 59 10.19 2.97 -23.30
CA VAL A 59 9.22 1.96 -22.79
C VAL A 59 9.11 0.77 -23.77
N GLU A 60 9.42 1.00 -25.05
CA GLU A 60 9.37 -0.06 -26.11
C GLU A 60 10.50 -1.08 -25.99
N GLU A 61 11.44 -0.86 -25.06
CA GLU A 61 12.45 -1.88 -24.66
C GLU A 61 11.75 -2.97 -23.83
N TYR A 62 10.61 -2.67 -23.21
CA TYR A 62 9.94 -3.53 -22.19
C TYR A 62 8.54 -3.95 -22.62
N LEU A 63 7.77 -3.07 -23.27
CA LEU A 63 6.31 -3.22 -23.45
C LEU A 63 5.94 -2.80 -24.87
N SER A 64 4.92 -3.44 -25.45
CA SER A 64 4.21 -2.95 -26.67
C SER A 64 3.76 -1.50 -26.46
N ALA A 65 3.82 -0.67 -27.50
CA ALA A 65 3.38 0.74 -27.40
C ALA A 65 1.88 0.74 -27.12
N LYS A 66 1.20 -0.37 -27.47
CA LYS A 66 -0.26 -0.60 -27.26
C LYS A 66 -0.57 -0.69 -25.76
N GLU A 67 0.20 -1.47 -25.01
N GLU A 67 0.20 -1.47 -25.01
CA GLU A 67 0.05 -1.62 -23.53
CA GLU A 67 0.04 -1.58 -23.53
C GLU A 67 0.59 -0.37 -22.83
C GLU A 67 0.56 -0.31 -22.87
N ALA A 68 1.76 0.14 -23.26
CA ALA A 68 2.43 1.30 -22.62
C ALA A 68 1.51 2.52 -22.53
N ARG A 69 0.73 2.79 -23.59
N ARG A 69 0.72 2.79 -23.58
CA ARG A 69 -0.14 3.99 -23.71
CA ARG A 69 -0.10 4.02 -23.67
C ARG A 69 -1.18 4.01 -22.58
C ARG A 69 -1.22 4.00 -22.61
N LYS A 70 -1.54 2.84 -22.04
CA LYS A 70 -2.58 2.75 -20.97
C LYS A 70 -2.01 3.11 -19.59
N LEU A 71 -0.68 3.25 -19.41
CA LEU A 71 -0.07 3.17 -18.06
C LEU A 71 0.63 4.49 -17.71
N ASP A 72 0.42 4.98 -16.50
CA ASP A 72 1.24 6.09 -15.96
C ASP A 72 2.73 5.73 -16.02
N LEU A 73 3.57 6.75 -16.17
CA LEU A 73 5.03 6.58 -16.09
C LEU A 73 5.44 5.80 -14.83
N PHE A 74 4.89 6.03 -13.65
CA PHE A 74 5.40 5.26 -12.46
C PHE A 74 5.21 3.75 -12.69
N ILE A 75 4.15 3.33 -13.38
CA ILE A 75 3.92 1.90 -13.69
C ILE A 75 4.91 1.46 -14.72
N GLN A 76 5.11 2.24 -15.79
CA GLN A 76 6.13 1.89 -16.78
C GLN A 76 7.48 1.71 -16.07
N TYR A 77 7.85 2.62 -15.15
CA TYR A 77 9.17 2.58 -14.49
C TYR A 77 9.24 1.32 -13.61
N GLY A 78 8.16 1.06 -12.87
CA GLY A 78 8.10 -0.12 -11.99
C GLY A 78 8.27 -1.43 -12.76
N LEU A 79 7.59 -1.53 -13.90
CA LEU A 79 7.65 -2.74 -14.78
C LEU A 79 9.06 -2.91 -15.33
N ALA A 80 9.66 -1.83 -15.82
CA ALA A 80 11.04 -1.84 -16.37
C ALA A 80 11.99 -2.42 -15.30
N ALA A 81 11.92 -1.89 -14.10
CA ALA A 81 12.85 -2.30 -13.03
C ALA A 81 12.58 -3.77 -12.67
N SER A 82 11.31 -4.17 -12.57
CA SER A 82 10.88 -5.56 -12.26
C SER A 82 11.40 -6.52 -13.34
N PHE A 83 11.18 -6.19 -14.60
CA PHE A 83 11.64 -7.02 -15.73
C PHE A 83 13.15 -7.22 -15.64
N GLN A 84 13.91 -6.13 -15.43
CA GLN A 84 15.39 -6.15 -15.29
C GLN A 84 15.75 -7.13 -14.17
N ALA A 85 15.09 -7.00 -13.03
CA ALA A 85 15.43 -7.78 -11.82
C ALA A 85 15.22 -9.27 -12.10
N VAL A 86 14.09 -9.61 -12.72
CA VAL A 86 13.69 -11.01 -12.98
C VAL A 86 14.69 -11.64 -13.96
N ARG A 87 15.05 -10.92 -15.02
CA ARG A 87 16.04 -11.40 -16.01
C ARG A 87 17.38 -11.62 -15.29
N ASP A 88 17.80 -10.63 -14.50
CA ASP A 88 19.10 -10.66 -13.76
C ASP A 88 19.10 -11.88 -12.83
N SER A 89 17.95 -12.34 -12.35
CA SER A 89 17.90 -13.48 -11.39
C SER A 89 18.15 -14.82 -12.09
N GLY A 90 17.93 -14.93 -13.40
CA GLY A 90 17.95 -16.21 -14.16
C GLY A 90 16.77 -17.13 -13.82
N LEU A 91 15.82 -16.66 -13.01
CA LEU A 91 14.70 -17.52 -12.59
C LEU A 91 13.80 -17.82 -13.79
N GLU A 92 13.41 -19.10 -13.94
CA GLU A 92 12.43 -19.58 -14.94
C GLU A 92 11.11 -19.80 -14.23
N VAL A 93 10.06 -19.09 -14.64
CA VAL A 93 8.68 -19.25 -14.11
C VAL A 93 8.02 -20.44 -14.82
N THR A 94 7.48 -21.39 -14.06
CA THR A 94 6.84 -22.64 -14.60
C THR A 94 5.53 -22.91 -13.87
N ASP A 95 4.78 -23.90 -14.36
CA ASP A 95 3.60 -24.40 -13.61
C ASP A 95 4.02 -24.90 -12.22
N ALA A 96 5.23 -25.45 -12.06
CA ALA A 96 5.66 -26.06 -10.78
C ALA A 96 5.91 -24.96 -9.73
N ASN A 97 6.25 -23.73 -10.13
CA ASN A 97 6.67 -22.69 -9.13
C ASN A 97 5.82 -21.40 -9.24
N ARG A 98 4.89 -21.25 -10.17
CA ARG A 98 4.23 -19.94 -10.38
C ARG A 98 3.37 -19.56 -9.17
N GLU A 99 2.86 -20.51 -8.39
CA GLU A 99 2.01 -20.17 -7.23
C GLU A 99 2.89 -19.69 -6.06
N ARG A 100 4.19 -19.88 -6.15
CA ARG A 100 5.15 -19.60 -5.05
C ARG A 100 5.96 -18.33 -5.37
N ILE A 101 5.60 -17.59 -6.43
CA ILE A 101 6.29 -16.34 -6.82
C ILE A 101 5.27 -15.22 -6.84
N GLY A 102 5.48 -14.23 -5.99
CA GLY A 102 4.56 -13.09 -5.87
C GLY A 102 5.29 -11.79 -6.18
N VAL A 103 4.61 -10.66 -5.95
CA VAL A 103 5.17 -9.32 -6.27
C VAL A 103 4.63 -8.31 -5.26
N SER A 104 5.48 -7.41 -4.79
CA SER A 104 5.12 -6.28 -3.90
C SER A 104 5.92 -5.06 -4.36
N MET A 105 5.42 -4.40 -5.39
CA MET A 105 5.97 -3.13 -5.90
C MET A 105 5.02 -2.01 -5.51
N GLY A 106 5.56 -1.03 -4.80
CA GLY A 106 4.79 0.06 -4.19
C GLY A 106 5.08 1.39 -4.84
N SER A 107 4.36 2.40 -4.36
CA SER A 107 4.58 3.81 -4.74
C SER A 107 4.06 4.69 -3.62
N GLY A 108 4.66 5.87 -3.44
CA GLY A 108 4.20 6.86 -2.44
C GLY A 108 2.95 7.55 -2.90
N ILE A 109 2.93 7.99 -4.18
CA ILE A 109 1.87 8.86 -4.76
C ILE A 109 1.19 8.19 -5.96
N GLY A 110 1.86 7.30 -6.69
CA GLY A 110 1.24 6.62 -7.84
C GLY A 110 1.03 7.60 -8.99
N GLY A 111 -0.10 7.54 -9.68
CA GLY A 111 -0.20 8.03 -11.07
C GLY A 111 -0.71 9.45 -11.09
N LEU A 112 0.01 10.36 -10.44
CA LEU A 112 -0.40 11.78 -10.24
C LEU A 112 -0.44 12.49 -11.60
N THR A 113 0.53 12.22 -12.48
CA THR A 113 0.58 12.76 -13.87
C THR A 113 -0.69 12.37 -14.62
N ASN A 114 -0.97 11.06 -14.66
CA ASN A 114 -2.21 10.54 -15.30
C ASN A 114 -3.45 11.22 -14.69
N ILE A 115 -3.50 11.33 -13.36
CA ILE A 115 -4.72 11.87 -12.70
C ILE A 115 -4.84 13.36 -13.08
N GLU A 116 -3.73 14.09 -13.05
CA GLU A 116 -3.69 15.51 -13.42
C GLU A 116 -4.22 15.69 -14.85
N ASN A 117 -3.67 14.93 -15.80
CA ASN A 117 -4.03 15.01 -17.24
C ASN A 117 -5.52 14.68 -17.45
N ASN A 118 -6.04 13.70 -16.74
CA ASN A 118 -7.47 13.31 -16.84
C ASN A 118 -8.34 14.36 -16.12
N CYS A 119 -7.82 15.01 -15.08
CA CYS A 119 -8.52 16.12 -14.38
C CYS A 119 -8.66 17.31 -15.34
N ARG A 120 -7.61 17.61 -16.10
CA ARG A 120 -7.60 18.66 -17.14
C ARG A 120 -8.72 18.38 -18.17
N SER A 121 -8.78 17.16 -18.72
CA SER A 121 -9.84 16.67 -19.64
C SER A 121 -11.23 16.82 -19.02
N LEU A 122 -11.42 16.32 -17.81
CA LEU A 122 -12.72 16.40 -17.12
C LEU A 122 -13.17 17.88 -17.06
N PHE A 123 -12.32 18.78 -16.60
CA PHE A 123 -12.67 20.19 -16.31
C PHE A 123 -12.87 20.97 -17.62
N GLU A 124 -12.03 20.74 -18.62
CA GLU A 124 -12.02 21.53 -19.89
C GLU A 124 -13.07 20.92 -20.83
N GLN A 125 -13.23 19.59 -20.88
CA GLN A 125 -13.99 18.89 -21.94
C GLN A 125 -15.14 18.02 -21.41
N GLY A 126 -15.21 17.74 -20.11
CA GLY A 126 -16.26 16.88 -19.53
C GLY A 126 -15.81 15.42 -19.33
N PRO A 127 -16.66 14.63 -18.65
CA PRO A 127 -16.32 13.28 -18.24
C PRO A 127 -16.17 12.27 -19.36
N ARG A 128 -16.77 12.50 -20.55
CA ARG A 128 -16.73 11.53 -21.66
C ARG A 128 -15.31 11.54 -22.25
N ARG A 129 -14.46 12.48 -21.83
CA ARG A 129 -13.06 12.52 -22.33
C ARG A 129 -12.09 11.88 -21.32
N ILE A 130 -12.59 11.35 -20.20
CA ILE A 130 -11.69 10.62 -19.26
C ILE A 130 -11.32 9.30 -19.94
N SER A 131 -10.04 8.92 -19.90
CA SER A 131 -9.54 7.66 -20.51
C SER A 131 -10.25 6.47 -19.87
N PRO A 132 -10.66 5.46 -20.69
CA PRO A 132 -11.14 4.18 -20.18
C PRO A 132 -10.12 3.46 -19.28
N PHE A 133 -8.84 3.80 -19.43
CA PHE A 133 -7.71 3.17 -18.71
C PHE A 133 -7.31 4.01 -17.48
N PHE A 134 -8.05 5.08 -17.17
CA PHE A 134 -7.75 6.01 -16.05
C PHE A 134 -7.48 5.24 -14.75
N VAL A 135 -8.39 4.39 -14.30
CA VAL A 135 -8.23 3.65 -13.02
C VAL A 135 -7.12 2.60 -13.10
N PRO A 136 -7.20 1.55 -13.96
CA PRO A 136 -6.17 0.51 -13.98
C PRO A 136 -4.80 1.10 -14.36
N GLY A 137 -4.81 2.24 -15.07
CA GLY A 137 -3.55 2.87 -15.53
C GLY A 137 -2.94 3.82 -14.50
N SER A 138 -3.60 4.11 -13.38
CA SER A 138 -3.16 5.16 -12.42
C SER A 138 -2.97 4.57 -11.02
N ILE A 139 -3.65 3.49 -10.64
CA ILE A 139 -3.68 3.06 -9.21
C ILE A 139 -2.44 2.22 -8.88
N ILE A 140 -2.04 2.27 -7.61
CA ILE A 140 -0.64 1.95 -7.18
C ILE A 140 -0.37 0.45 -7.34
N ASN A 141 -1.39 -0.41 -7.19
CA ASN A 141 -1.19 -1.90 -7.19
C ASN A 141 -0.98 -2.48 -8.59
N MET A 142 -0.93 -1.65 -9.63
CA MET A 142 -0.97 -2.17 -11.02
C MET A 142 0.44 -2.46 -11.53
N VAL A 143 1.50 -2.06 -10.80
CA VAL A 143 2.84 -2.63 -11.07
C VAL A 143 2.76 -4.14 -10.79
N SER A 144 2.42 -4.47 -9.54
CA SER A 144 2.15 -5.86 -9.10
C SER A 144 1.18 -6.56 -10.04
N GLY A 145 0.06 -5.93 -10.35
CA GLY A 145 -0.99 -6.50 -11.24
C GLY A 145 -0.42 -6.87 -12.60
N PHE A 146 0.16 -5.88 -13.31
CA PHE A 146 0.62 -6.03 -14.71
C PHE A 146 1.83 -6.98 -14.73
N LEU A 147 2.72 -6.91 -13.74
CA LEU A 147 3.90 -7.79 -13.70
C LEU A 147 3.42 -9.24 -13.60
N SER A 148 2.46 -9.51 -12.71
N SER A 148 2.47 -9.50 -12.70
CA SER A 148 1.92 -10.87 -12.48
CA SER A 148 1.88 -10.85 -12.45
C SER A 148 1.27 -11.40 -13.77
C SER A 148 1.28 -11.39 -13.76
N ILE A 149 0.54 -10.54 -14.47
CA ILE A 149 -0.17 -10.92 -15.73
C ILE A 149 0.85 -11.29 -16.80
N HIS A 150 1.87 -10.46 -17.01
CA HIS A 150 2.90 -10.64 -18.08
C HIS A 150 3.80 -11.85 -17.78
N LEU A 151 4.18 -12.08 -16.52
CA LEU A 151 5.14 -13.18 -16.19
C LEU A 151 4.39 -14.44 -15.70
N GLY A 152 3.10 -14.34 -15.36
CA GLY A 152 2.30 -15.47 -14.84
C GLY A 152 2.61 -15.78 -13.38
N LEU A 153 2.78 -14.74 -12.54
CA LEU A 153 3.09 -14.88 -11.09
C LEU A 153 1.78 -14.99 -10.29
N GLN A 154 1.61 -16.10 -9.57
CA GLN A 154 0.32 -16.40 -8.92
C GLN A 154 0.46 -16.38 -7.40
N GLY A 155 1.66 -16.09 -6.91
CA GLY A 155 1.91 -15.86 -5.48
C GLY A 155 1.23 -14.60 -4.93
N PRO A 156 1.55 -14.26 -3.66
CA PRO A 156 1.02 -13.04 -3.05
C PRO A 156 1.28 -11.83 -3.94
N ASN A 157 0.24 -11.04 -4.11
CA ASN A 157 0.19 -9.94 -5.07
C ASN A 157 -0.39 -8.75 -4.34
N TYR A 158 0.46 -7.78 -4.01
CA TYR A 158 0.02 -6.60 -3.23
C TYR A 158 0.94 -5.41 -3.48
N ALA A 159 0.60 -4.29 -2.84
CA ALA A 159 1.37 -3.05 -3.00
C ALA A 159 1.26 -2.28 -1.69
N LEU A 160 2.38 -1.75 -1.23
CA LEU A 160 2.42 -0.84 -0.05
C LEU A 160 2.40 0.59 -0.53
N THR A 161 1.97 1.51 0.31
CA THR A 161 2.12 2.94 0.05
C THR A 161 2.39 3.60 1.41
N THR A 162 3.66 3.84 1.73
CA THR A 162 4.07 4.43 3.04
C THR A 162 4.97 5.60 2.73
N ALA A 163 4.54 6.39 1.77
CA ALA A 163 5.18 7.65 1.38
C ALA A 163 6.65 7.36 1.10
N GLN A 164 7.57 8.05 1.75
CA GLN A 164 9.02 7.95 1.44
C GLN A 164 9.66 6.68 2.02
N THR A 165 8.89 5.84 2.70
CA THR A 165 9.37 4.56 3.31
C THR A 165 8.97 3.38 2.42
N THR A 166 8.19 3.64 1.37
CA THR A 166 7.49 2.57 0.60
C THR A 166 8.47 1.49 0.17
N GLY A 167 9.58 1.85 -0.46
CA GLY A 167 10.49 0.87 -1.07
C GLY A 167 11.09 -0.07 -0.01
N THR A 168 11.37 0.47 1.16
CA THR A 168 12.04 -0.26 2.25
C THR A 168 11.02 -1.22 2.84
N HIS A 169 9.83 -0.72 3.17
CA HIS A 169 8.72 -1.57 3.68
C HIS A 169 8.40 -2.68 2.67
N SER A 170 8.39 -2.37 1.37
CA SER A 170 7.97 -3.34 0.33
C SER A 170 8.94 -4.51 0.36
N ILE A 171 10.23 -4.21 0.39
CA ILE A 171 11.32 -5.22 0.39
C ILE A 171 11.26 -6.01 1.69
N GLY A 172 11.11 -5.35 2.86
CA GLY A 172 11.12 -6.03 4.16
C GLY A 172 9.96 -7.01 4.31
N MET A 173 8.74 -6.55 3.99
N MET A 173 8.75 -6.58 3.97
CA MET A 173 7.50 -7.35 4.10
CA MET A 173 7.52 -7.40 4.12
C MET A 173 7.53 -8.50 3.07
C MET A 173 7.49 -8.50 3.06
N ALA A 174 8.03 -8.25 1.86
CA ALA A 174 8.24 -9.33 0.85
C ALA A 174 9.18 -10.41 1.44
N ALA A 175 10.25 -10.00 2.14
CA ALA A 175 11.22 -10.93 2.79
C ALA A 175 10.53 -11.73 3.89
N ARG A 176 9.69 -11.09 4.70
CA ARG A 176 8.87 -11.79 5.72
C ARG A 176 7.98 -12.84 5.02
N ASN A 177 7.36 -12.50 3.90
CA ASN A 177 6.51 -13.46 3.13
C ASN A 177 7.29 -14.76 2.92
N ILE A 178 8.52 -14.62 2.47
CA ILE A 178 9.38 -15.77 2.11
C ILE A 178 9.85 -16.45 3.41
N ALA A 179 10.27 -15.64 4.38
CA ALA A 179 10.77 -16.11 5.68
C ALA A 179 9.72 -17.07 6.28
N TYR A 180 8.45 -16.70 6.22
CA TYR A 180 7.34 -17.40 6.93
C TYR A 180 6.73 -18.48 6.04
N GLY A 181 7.18 -18.63 4.78
CA GLY A 181 6.73 -19.71 3.90
C GLY A 181 5.53 -19.35 3.02
N GLU A 182 5.13 -18.09 2.92
CA GLU A 182 3.95 -17.67 2.11
C GLU A 182 4.36 -17.65 0.62
N ALA A 183 5.66 -17.58 0.32
CA ALA A 183 6.20 -17.59 -1.04
C ALA A 183 7.64 -18.05 -0.97
N ASP A 184 8.18 -18.50 -2.10
CA ASP A 184 9.63 -18.82 -2.18
C ASP A 184 10.36 -17.70 -2.89
N VAL A 185 9.65 -16.93 -3.71
CA VAL A 185 10.25 -15.81 -4.50
C VAL A 185 9.32 -14.62 -4.42
N MET A 186 9.88 -13.42 -4.27
CA MET A 186 9.08 -12.18 -4.39
C MET A 186 9.86 -11.18 -5.23
N VAL A 187 9.16 -10.48 -6.11
CA VAL A 187 9.71 -9.26 -6.75
C VAL A 187 9.20 -8.08 -5.91
N ALA A 188 10.10 -7.28 -5.38
CA ALA A 188 9.71 -6.23 -4.41
C ALA A 188 10.54 -4.97 -4.60
N GLY A 189 9.93 -3.82 -4.35
CA GLY A 189 10.59 -2.53 -4.51
C GLY A 189 9.54 -1.46 -4.66
N GLY A 190 9.84 -0.48 -5.47
CA GLY A 190 8.92 0.65 -5.62
C GLY A 190 9.23 1.46 -6.84
N SER A 191 8.30 2.35 -7.18
CA SER A 191 8.46 3.25 -8.34
C SER A 191 7.75 4.56 -8.06
N GLU A 192 8.25 5.61 -8.70
CA GLU A 192 7.69 6.95 -8.48
C GLU A 192 7.93 7.83 -9.69
N MET A 193 6.92 8.64 -10.04
N MET A 193 6.92 8.62 -10.01
CA MET A 193 7.07 9.76 -11.00
CA MET A 193 6.96 9.71 -11.02
C MET A 193 6.05 10.83 -10.61
C MET A 193 5.99 10.80 -10.57
N ALA A 194 6.44 11.67 -9.67
CA ALA A 194 5.58 12.70 -9.06
C ALA A 194 5.94 14.06 -9.67
N ALA A 195 6.78 14.10 -10.73
CA ALA A 195 7.24 15.38 -11.32
C ALA A 195 6.18 15.87 -12.30
N CYS A 196 5.05 16.31 -11.74
CA CYS A 196 3.96 17.03 -12.46
C CYS A 196 3.63 18.29 -11.65
N GLY A 197 2.75 19.13 -12.16
CA GLY A 197 2.35 20.38 -11.52
C GLY A 197 1.88 20.13 -10.09
N LEU A 198 1.08 19.10 -9.88
CA LEU A 198 0.55 18.84 -8.52
C LEU A 198 1.72 18.46 -7.61
N GLY A 199 2.65 17.66 -8.11
CA GLY A 199 3.77 17.12 -7.32
C GLY A 199 4.74 18.21 -6.91
N LEU A 200 5.28 18.94 -7.89
CA LEU A 200 6.25 20.01 -7.61
C LEU A 200 5.51 21.16 -6.93
N GLY A 201 4.29 21.45 -7.37
CA GLY A 201 3.41 22.47 -6.75
C GLY A 201 3.12 22.12 -5.30
N GLY A 202 2.75 20.87 -5.03
CA GLY A 202 2.30 20.43 -3.70
C GLY A 202 3.46 20.43 -2.73
N PHE A 203 4.60 19.82 -3.09
CA PHE A 203 5.78 19.87 -2.19
C PHE A 203 6.29 21.32 -2.08
N GLY A 204 6.19 22.09 -3.16
CA GLY A 204 6.51 23.53 -3.16
C GLY A 204 5.67 24.29 -2.14
N ALA A 205 4.36 24.06 -2.13
CA ALA A 205 3.44 24.73 -1.18
C ALA A 205 3.85 24.42 0.26
N ALA A 206 4.45 23.25 0.53
CA ALA A 206 4.90 22.86 1.89
C ALA A 206 6.30 23.43 2.18
N ARG A 207 6.94 24.04 1.19
CA ARG A 207 8.29 24.65 1.34
C ARG A 207 9.30 23.57 1.71
N ALA A 208 9.05 22.32 1.26
CA ALA A 208 9.86 21.11 1.54
C ALA A 208 11.00 20.92 0.53
N LEU A 209 10.93 21.57 -0.65
CA LEU A 209 11.91 21.40 -1.76
C LEU A 209 13.03 22.44 -1.68
N SER A 210 14.25 22.05 -2.04
CA SER A 210 15.32 23.00 -2.36
C SER A 210 14.82 23.91 -3.48
N THR A 211 15.11 25.21 -3.36
CA THR A 211 14.84 26.23 -4.40
C THR A 211 16.14 26.68 -5.04
N ARG A 212 17.19 25.85 -5.01
CA ARG A 212 18.50 26.22 -5.62
C ARG A 212 18.42 26.05 -7.15
N ASN A 213 17.54 26.80 -7.82
CA ASN A 213 17.27 26.65 -9.27
C ASN A 213 18.51 26.94 -10.08
N ASP A 214 19.38 27.83 -9.59
CA ASP A 214 20.55 28.33 -10.37
C ASP A 214 21.73 27.36 -10.27
N GLU A 215 21.67 26.36 -9.39
CA GLU A 215 22.76 25.37 -9.25
C GLU A 215 22.15 24.03 -8.85
N PRO A 216 21.35 23.39 -9.74
CA PRO A 216 20.60 22.18 -9.38
C PRO A 216 21.47 21.01 -8.89
N THR A 217 22.68 20.83 -9.41
CA THR A 217 23.52 19.66 -9.03
C THR A 217 24.05 19.89 -7.61
N ARG A 218 23.98 21.10 -7.07
CA ARG A 218 24.49 21.40 -5.70
C ARG A 218 23.33 21.47 -4.71
N ALA A 219 22.09 21.27 -5.16
CA ALA A 219 20.86 21.47 -4.38
C ALA A 219 20.78 20.45 -3.24
N SER A 220 21.01 19.18 -3.57
CA SER A 220 20.89 18.04 -2.64
C SER A 220 22.22 17.94 -1.87
N ARG A 221 22.22 18.35 -0.61
CA ARG A 221 23.48 18.48 0.15
C ARG A 221 23.23 17.99 1.56
N PRO A 222 22.95 16.66 1.71
CA PRO A 222 22.63 16.09 3.01
C PRO A 222 23.70 16.43 4.07
N TRP A 223 23.29 16.98 5.22
CA TRP A 223 24.13 17.33 6.41
C TRP A 223 24.98 18.59 6.18
N ASP A 224 24.93 19.20 4.99
CA ASP A 224 25.68 20.45 4.72
C ASP A 224 24.92 21.60 5.38
N ARG A 225 25.63 22.57 5.97
CA ARG A 225 24.98 23.69 6.71
C ARG A 225 24.09 24.51 5.78
N ASP A 226 24.27 24.47 4.45
CA ASP A 226 23.54 25.34 3.48
C ASP A 226 22.37 24.60 2.80
N ARG A 227 21.93 23.45 3.34
CA ARG A 227 20.84 22.63 2.74
C ARG A 227 19.51 23.37 2.96
N ASP A 228 18.57 23.22 2.03
CA ASP A 228 17.32 24.04 2.03
C ASP A 228 16.15 23.20 1.53
N GLY A 229 16.22 21.87 1.70
CA GLY A 229 15.13 20.93 1.35
C GLY A 229 15.54 19.84 0.35
N PHE A 230 14.64 18.89 0.13
CA PHE A 230 14.94 17.72 -0.72
C PHE A 230 14.74 18.12 -2.18
N VAL A 231 15.34 17.30 -3.01
CA VAL A 231 15.23 17.37 -4.50
C VAL A 231 14.37 16.18 -4.94
N LEU A 232 13.35 16.48 -5.74
CA LEU A 232 12.30 15.51 -6.17
C LEU A 232 12.84 14.78 -7.39
N SER A 233 12.79 13.45 -7.33
CA SER A 233 13.42 12.57 -8.33
C SER A 233 12.50 11.41 -8.66
N ASP A 234 12.75 10.81 -9.83
CA ASP A 234 11.86 9.82 -10.47
C ASP A 234 12.62 8.50 -10.63
N GLY A 235 11.91 7.39 -10.58
CA GLY A 235 12.49 6.12 -11.02
C GLY A 235 11.88 4.94 -10.30
N SER A 236 12.68 3.88 -10.16
N SER A 236 12.64 3.84 -10.22
CA SER A 236 12.22 2.53 -9.73
CA SER A 236 12.18 2.55 -9.67
C SER A 236 13.42 1.67 -9.31
C SER A 236 13.37 1.65 -9.33
N GLY A 237 13.20 0.84 -8.29
CA GLY A 237 14.11 -0.25 -7.91
C GLY A 237 13.26 -1.49 -7.70
N ALA A 238 13.72 -2.62 -8.17
CA ALA A 238 13.09 -3.93 -7.94
C ALA A 238 14.21 -4.91 -7.55
N LEU A 239 13.96 -5.75 -6.57
CA LEU A 239 14.87 -6.85 -6.20
C LEU A 239 14.08 -8.16 -6.32
N VAL A 240 14.71 -9.22 -6.80
CA VAL A 240 14.20 -10.60 -6.62
C VAL A 240 14.72 -11.11 -5.27
N LEU A 241 13.81 -11.33 -4.34
CA LEU A 241 14.08 -11.96 -3.04
C LEU A 241 13.75 -13.44 -3.21
N GLU A 242 14.53 -14.30 -2.57
CA GLU A 242 14.39 -15.76 -2.82
C GLU A 242 14.80 -16.52 -1.56
N GLU A 243 14.03 -17.52 -1.19
CA GLU A 243 14.41 -18.38 -0.05
C GLU A 243 15.79 -19.00 -0.37
N LEU A 244 16.69 -19.08 0.62
CA LEU A 244 18.10 -19.50 0.45
C LEU A 244 18.22 -20.86 -0.24
N GLU A 245 17.50 -21.89 0.25
CA GLU A 245 17.64 -23.29 -0.25
C GLU A 245 17.08 -23.36 -1.67
N HIS A 246 16.00 -22.64 -1.96
CA HIS A 246 15.44 -22.48 -3.32
C HIS A 246 16.51 -21.93 -4.29
N ALA A 247 17.18 -20.83 -3.91
CA ALA A 247 18.28 -20.21 -4.69
C ALA A 247 19.43 -21.21 -4.87
N ARG A 248 19.82 -21.91 -3.80
CA ARG A 248 20.94 -22.89 -3.83
C ARG A 248 20.62 -24.03 -4.79
N ALA A 249 19.38 -24.54 -4.72
CA ALA A 249 18.85 -25.69 -5.50
C ALA A 249 18.82 -25.39 -7.01
N ARG A 250 18.80 -24.12 -7.43
CA ARG A 250 18.73 -23.79 -8.88
C ARG A 250 20.05 -23.16 -9.35
N GLY A 251 21.07 -23.13 -8.50
CA GLY A 251 22.41 -22.57 -8.81
C GLY A 251 22.39 -21.06 -8.95
N ALA A 252 21.52 -20.36 -8.22
CA ALA A 252 21.35 -18.90 -8.39
C ALA A 252 22.65 -18.22 -7.97
N ARG A 253 23.02 -17.15 -8.67
CA ARG A 253 24.02 -16.19 -8.16
C ARG A 253 23.33 -15.39 -7.05
N ILE A 254 23.92 -15.38 -5.86
CA ILE A 254 23.41 -14.64 -4.68
C ILE A 254 24.24 -13.38 -4.45
N TYR A 255 23.63 -12.20 -4.47
CA TYR A 255 24.32 -10.93 -4.24
C TYR A 255 24.64 -10.75 -2.77
N ALA A 256 23.68 -11.07 -1.90
CA ALA A 256 23.75 -10.78 -0.46
C ALA A 256 22.55 -11.40 0.23
N GLU A 257 22.60 -11.42 1.55
CA GLU A 257 21.52 -11.98 2.37
C GLU A 257 20.81 -10.81 3.05
N LEU A 258 19.48 -10.84 3.05
N LEU A 258 19.48 -10.85 3.07
CA LEU A 258 18.62 -9.90 3.84
CA LEU A 258 18.61 -9.92 3.83
C LEU A 258 18.38 -10.54 5.20
C LEU A 258 18.37 -10.54 5.21
N VAL A 259 19.05 -10.03 6.24
CA VAL A 259 19.03 -10.65 7.61
C VAL A 259 18.13 -9.87 8.58
N GLY A 260 17.81 -8.63 8.30
CA GLY A 260 17.10 -7.79 9.29
C GLY A 260 16.13 -6.84 8.65
N PHE A 261 14.98 -6.67 9.29
CA PHE A 261 13.96 -5.68 8.90
C PHE A 261 13.32 -5.11 10.17
N GLY A 262 13.34 -3.78 10.27
CA GLY A 262 12.65 -3.06 11.33
C GLY A 262 11.63 -2.10 10.75
N MET A 263 10.56 -1.91 11.50
CA MET A 263 9.59 -0.81 11.36
C MET A 263 9.38 -0.21 12.74
N SER A 264 9.06 1.07 12.75
CA SER A 264 8.53 1.76 13.95
C SER A 264 7.70 2.93 13.44
N GLY A 265 6.78 3.46 14.27
CA GLY A 265 6.16 4.77 14.05
C GLY A 265 6.75 5.78 15.00
N ASP A 266 6.98 7.00 14.56
CA ASP A 266 7.44 8.12 15.42
C ASP A 266 6.31 8.50 16.37
N ALA A 267 5.06 8.46 15.89
CA ALA A 267 3.87 8.99 16.59
C ALA A 267 4.14 10.42 17.07
N PHE A 268 4.75 11.24 16.22
CA PHE A 268 5.25 12.59 16.56
C PHE A 268 4.51 13.68 15.74
N HIS A 269 4.68 13.68 14.41
CA HIS A 269 4.14 14.76 13.52
C HIS A 269 3.87 14.19 12.11
N MET A 270 2.86 14.75 11.42
CA MET A 270 2.38 14.31 10.08
C MET A 270 3.57 14.33 9.11
N THR A 271 4.46 15.31 9.23
CA THR A 271 5.53 15.59 8.23
C THR A 271 6.93 15.75 8.85
N ALA A 272 7.08 16.31 10.06
CA ALA A 272 8.40 16.57 10.68
C ALA A 272 8.87 15.36 11.49
N PRO A 273 10.14 14.95 11.36
CA PRO A 273 10.70 13.90 12.21
C PRO A 273 11.06 14.51 13.55
N PRO A 274 11.09 13.74 14.65
CA PRO A 274 11.51 14.29 15.93
C PRO A 274 13.00 14.67 15.83
N GLU A 275 13.40 15.80 16.41
CA GLU A 275 14.81 16.32 16.39
C GLU A 275 15.82 15.27 16.87
N ASP A 276 15.46 14.46 17.86
CA ASP A 276 16.36 13.47 18.53
C ASP A 276 16.39 12.11 17.79
N GLY A 277 15.61 11.94 16.72
CA GLY A 277 15.64 10.71 15.90
C GLY A 277 15.13 9.48 16.63
N ALA A 278 14.30 9.64 17.66
CA ALA A 278 13.82 8.58 18.59
C ALA A 278 13.18 7.41 17.80
N GLY A 279 12.32 7.73 16.84
CA GLY A 279 11.61 6.72 16.01
C GLY A 279 12.56 5.98 15.11
N ALA A 280 13.47 6.68 14.45
CA ALA A 280 14.54 6.07 13.62
C ALA A 280 15.41 5.14 14.49
N ALA A 281 15.71 5.56 15.72
CA ALA A 281 16.56 4.77 16.63
C ALA A 281 15.79 3.50 16.99
N ARG A 282 14.50 3.62 17.28
CA ARG A 282 13.67 2.44 17.66
C ARG A 282 13.67 1.46 16.47
N CYS A 283 13.50 1.99 15.26
CA CYS A 283 13.45 1.18 14.02
C CYS A 283 14.77 0.40 13.82
N MET A 284 15.91 1.09 13.86
CA MET A 284 17.23 0.46 13.65
C MET A 284 17.46 -0.63 14.71
N LYS A 285 17.15 -0.34 15.97
CA LYS A 285 17.33 -1.33 17.06
C LYS A 285 16.45 -2.55 16.76
N ASN A 286 15.20 -2.36 16.30
CA ASN A 286 14.30 -3.49 15.95
C ASN A 286 14.97 -4.33 14.86
N ALA A 287 15.55 -3.66 13.84
CA ALA A 287 16.16 -4.35 12.68
C ALA A 287 17.43 -5.12 13.14
N LEU A 288 18.25 -4.54 14.01
CA LEU A 288 19.53 -5.16 14.42
C LEU A 288 19.19 -6.38 15.29
N ARG A 289 18.20 -6.26 16.17
CA ARG A 289 17.76 -7.40 17.01
C ARG A 289 17.19 -8.49 16.10
N ASP A 290 16.36 -8.12 15.11
CA ASP A 290 15.81 -9.03 14.07
C ASP A 290 16.96 -9.77 13.39
N ALA A 291 18.09 -9.11 13.12
CA ALA A 291 19.23 -9.76 12.42
C ALA A 291 20.15 -10.50 13.42
N GLY A 292 19.90 -10.49 14.72
CA GLY A 292 20.77 -11.18 15.69
C GLY A 292 22.18 -10.59 15.72
N LEU A 293 22.32 -9.28 15.54
CA LEU A 293 23.63 -8.62 15.40
C LEU A 293 23.99 -7.82 16.67
N ASP A 294 25.28 -7.78 16.95
CA ASP A 294 25.95 -6.71 17.72
C ASP A 294 25.95 -5.47 16.83
N PRO A 295 25.52 -4.29 17.31
CA PRO A 295 25.55 -3.05 16.52
C PRO A 295 26.96 -2.75 15.97
N ARG A 296 28.02 -3.18 16.65
CA ARG A 296 29.43 -2.96 16.20
C ARG A 296 29.71 -3.72 14.89
N GLN A 297 28.83 -4.63 14.44
CA GLN A 297 29.00 -5.39 13.17
C GLN A 297 28.57 -4.48 12.00
N VAL A 298 27.84 -3.40 12.23
CA VAL A 298 27.40 -2.52 11.12
C VAL A 298 28.61 -1.74 10.59
N ASP A 299 28.92 -1.87 9.30
CA ASP A 299 30.05 -1.20 8.62
C ASP A 299 29.57 -0.01 7.81
N TYR A 300 28.41 -0.12 7.14
CA TYR A 300 27.92 0.94 6.23
C TYR A 300 26.43 1.18 6.45
N ILE A 301 26.04 2.45 6.48
CA ILE A 301 24.61 2.86 6.51
C ILE A 301 24.33 3.74 5.30
N ASN A 302 23.43 3.29 4.42
CA ASN A 302 22.80 4.15 3.39
C ASN A 302 21.69 4.91 4.09
N ALA A 303 21.99 6.13 4.46
CA ALA A 303 21.08 7.03 5.22
C ALA A 303 19.85 7.36 4.38
N HIS A 304 18.75 7.72 5.02
CA HIS A 304 17.64 8.41 4.33
C HIS A 304 18.23 9.70 3.74
N GLY A 305 18.81 10.58 4.58
CA GLY A 305 19.66 11.71 4.15
C GLY A 305 19.01 12.57 3.07
N THR A 306 17.84 13.15 3.33
CA THR A 306 16.98 13.83 2.31
C THR A 306 17.49 15.25 1.98
N SER A 307 18.40 15.83 2.79
CA SER A 307 18.85 17.25 2.66
C SER A 307 17.77 18.22 3.18
N THR A 308 16.97 17.80 4.16
CA THR A 308 16.10 18.72 4.94
C THR A 308 16.85 19.10 6.21
N PRO A 309 16.72 20.36 6.67
CA PRO A 309 17.26 20.76 7.98
C PRO A 309 16.97 19.75 9.10
N ALA A 310 15.71 19.44 9.37
CA ALA A 310 15.31 18.63 10.54
C ALA A 310 15.61 17.14 10.31
N GLY A 311 15.40 16.63 9.09
CA GLY A 311 15.56 15.19 8.81
C GLY A 311 17.00 14.72 8.97
N ASP A 312 17.95 15.44 8.37
CA ASP A 312 19.39 15.10 8.38
C ASP A 312 19.92 15.03 9.83
N ILE A 313 19.63 16.02 10.66
CA ILE A 313 20.21 16.09 12.04
C ILE A 313 19.55 14.98 12.89
N ALA A 314 18.26 14.71 12.70
CA ALA A 314 17.51 13.62 13.36
C ALA A 314 18.21 12.28 13.12
N GLU A 315 18.70 12.03 11.90
CA GLU A 315 19.39 10.76 11.55
C GLU A 315 20.72 10.67 12.27
N ILE A 316 21.46 11.77 12.39
CA ILE A 316 22.77 11.75 13.11
C ILE A 316 22.47 11.33 14.56
N ALA A 317 21.44 11.94 15.15
CA ALA A 317 21.07 11.75 16.56
C ALA A 317 20.68 10.28 16.74
N ALA A 318 19.91 9.71 15.79
CA ALA A 318 19.46 8.28 15.83
C ALA A 318 20.68 7.37 15.77
N VAL A 319 21.56 7.58 14.81
CA VAL A 319 22.77 6.73 14.64
C VAL A 319 23.66 6.79 15.91
N LYS A 320 23.92 7.98 16.45
CA LYS A 320 24.71 8.12 17.72
C LYS A 320 24.02 7.37 18.86
N SER A 321 22.70 7.44 18.94
CA SER A 321 21.93 6.77 20.02
C SER A 321 22.02 5.24 19.85
N VAL A 322 21.95 4.72 18.62
CA VAL A 322 21.95 3.24 18.38
C VAL A 322 23.38 2.71 18.53
N PHE A 323 24.37 3.43 18.05
CA PHE A 323 25.70 2.85 17.83
C PHE A 323 26.71 3.37 18.87
N GLY A 324 26.39 4.44 19.60
CA GLY A 324 27.28 5.04 20.61
C GLY A 324 28.64 5.29 20.01
N GLU A 325 29.70 4.75 20.60
CA GLU A 325 31.09 5.03 20.13
C GLU A 325 31.32 4.40 18.75
N HIS A 326 30.68 3.25 18.45
CA HIS A 326 30.80 2.62 17.11
C HIS A 326 30.27 3.55 16.01
N ALA A 327 29.47 4.56 16.35
CA ALA A 327 28.95 5.56 15.36
C ALA A 327 30.10 6.23 14.62
N HIS A 328 31.24 6.40 15.29
CA HIS A 328 32.46 7.04 14.73
C HIS A 328 33.28 6.05 13.89
N ALA A 329 32.96 4.75 13.85
CA ALA A 329 33.77 3.74 13.11
C ALA A 329 33.07 3.34 11.80
N LEU A 330 31.75 3.23 11.81
CA LEU A 330 31.00 2.89 10.58
C LEU A 330 31.11 4.05 9.57
N SER A 331 30.80 3.79 8.32
CA SER A 331 30.59 4.85 7.29
C SER A 331 29.10 5.02 7.01
N MET A 332 28.64 6.26 6.90
CA MET A 332 27.23 6.56 6.57
C MET A 332 27.22 7.58 5.45
N SER A 333 26.45 7.33 4.41
CA SER A 333 26.34 8.27 3.27
C SER A 333 24.90 8.31 2.75
N SER A 334 24.58 9.43 2.10
CA SER A 334 23.29 9.63 1.42
C SER A 334 23.55 9.74 -0.09
N THR A 335 23.12 8.72 -0.81
CA THR A 335 23.15 8.67 -2.29
C THR A 335 22.11 9.63 -2.85
N LYS A 336 21.19 10.16 -2.02
CA LYS A 336 20.26 11.24 -2.43
C LYS A 336 21.06 12.51 -2.77
N SER A 337 22.29 12.65 -2.26
CA SER A 337 23.21 13.75 -2.66
C SER A 337 23.34 13.76 -4.19
N MET A 338 23.28 12.59 -4.82
CA MET A 338 23.46 12.40 -6.29
C MET A 338 22.12 12.15 -7.03
N THR A 339 21.24 11.32 -6.47
CA THR A 339 20.02 10.81 -7.15
C THR A 339 18.83 11.73 -6.89
N GLY A 340 18.91 12.52 -5.82
CA GLY A 340 17.75 13.17 -5.22
C GLY A 340 16.86 12.15 -4.55
N HIS A 341 15.66 12.56 -4.20
CA HIS A 341 14.68 11.79 -3.38
C HIS A 341 13.62 11.16 -4.28
N LEU A 342 13.72 9.84 -4.47
CA LEU A 342 12.81 9.09 -5.36
C LEU A 342 11.54 8.69 -4.60
N LEU A 343 11.39 9.22 -3.38
CA LEU A 343 10.13 9.10 -2.61
C LEU A 343 9.91 7.60 -2.43
N GLY A 344 8.80 7.07 -2.95
CA GLY A 344 8.39 5.66 -2.74
C GLY A 344 9.45 4.71 -3.27
N ALA A 345 10.24 5.14 -4.24
CA ALA A 345 11.28 4.30 -4.87
C ALA A 345 12.62 4.51 -4.16
N ALA A 346 12.76 5.50 -3.26
CA ALA A 346 14.04 5.81 -2.58
C ALA A 346 14.58 4.57 -1.87
N GLY A 347 13.73 3.88 -1.12
CA GLY A 347 14.21 2.71 -0.34
C GLY A 347 14.60 1.56 -1.26
N ALA A 348 13.96 1.47 -2.43
CA ALA A 348 14.21 0.38 -3.40
C ALA A 348 15.59 0.57 -4.06
N VAL A 349 15.87 1.75 -4.61
CA VAL A 349 17.20 2.01 -5.23
C VAL A 349 18.29 1.98 -4.15
N GLU A 350 18.01 2.49 -2.95
CA GLU A 350 19.04 2.54 -1.89
C GLU A 350 19.32 1.14 -1.37
N ALA A 351 18.32 0.26 -1.34
CA ALA A 351 18.56 -1.16 -0.95
C ALA A 351 19.54 -1.76 -1.97
N ILE A 352 19.38 -1.40 -3.25
CA ILE A 352 20.26 -1.92 -4.33
C ILE A 352 21.67 -1.35 -4.13
N PHE A 353 21.79 -0.06 -3.81
CA PHE A 353 23.10 0.60 -3.59
C PHE A 353 23.77 -0.04 -2.36
N SER A 354 23.00 -0.39 -1.31
CA SER A 354 23.51 -1.10 -0.10
C SER A 354 24.04 -2.49 -0.47
N VAL A 355 23.36 -3.24 -1.33
CA VAL A 355 23.81 -4.58 -1.78
C VAL A 355 25.11 -4.40 -2.60
N LEU A 356 25.19 -3.38 -3.45
CA LEU A 356 26.39 -3.23 -4.33
C LEU A 356 27.56 -2.70 -3.47
N ALA A 357 27.27 -1.95 -2.40
CA ALA A 357 28.29 -1.55 -1.40
C ALA A 357 28.91 -2.84 -0.84
N LEU A 358 28.09 -3.86 -0.55
CA LEU A 358 28.58 -5.17 -0.06
C LEU A 358 29.37 -5.87 -1.17
N ARG A 359 28.86 -5.95 -2.39
CA ARG A 359 29.54 -6.67 -3.50
C ARG A 359 30.92 -6.04 -3.75
N ASP A 360 31.00 -4.71 -3.82
CA ASP A 360 32.21 -3.97 -4.28
C ASP A 360 33.08 -3.49 -3.11
N GLN A 361 32.63 -3.62 -1.86
CA GLN A 361 33.39 -3.20 -0.66
C GLN A 361 33.76 -1.72 -0.77
N VAL A 362 32.75 -0.89 -1.00
CA VAL A 362 32.96 0.56 -1.20
C VAL A 362 31.76 1.29 -0.61
N ALA A 363 32.02 2.36 0.13
CA ALA A 363 30.98 3.28 0.63
C ALA A 363 30.79 4.36 -0.42
N PRO A 364 29.58 4.48 -0.99
CA PRO A 364 29.27 5.58 -1.90
C PRO A 364 29.44 6.92 -1.22
N PRO A 365 29.76 8.01 -1.96
CA PRO A 365 29.92 9.32 -1.35
C PRO A 365 28.60 10.01 -1.00
N THR A 366 28.69 10.91 -0.04
CA THR A 366 27.71 12.02 0.12
C THR A 366 28.34 13.21 -0.60
N ILE A 367 27.95 13.48 -1.84
CA ILE A 367 28.49 14.68 -2.56
C ILE A 367 27.86 15.94 -1.95
N ASN A 368 28.49 17.08 -2.22
CA ASN A 368 28.03 18.45 -1.84
C ASN A 368 28.22 18.72 -0.35
N LEU A 369 28.88 17.82 0.38
CA LEU A 369 29.03 17.98 1.85
C LEU A 369 30.24 18.88 2.12
N ASP A 370 30.14 20.17 1.77
CA ASP A 370 31.27 21.14 1.84
C ASP A 370 31.49 21.54 3.30
N ASN A 371 30.42 21.87 4.03
CA ASN A 371 30.50 22.33 5.44
C ASN A 371 29.48 21.55 6.26
N PRO A 372 29.89 20.39 6.83
CA PRO A 372 29.04 19.62 7.70
C PRO A 372 28.45 20.54 8.78
N ASP A 373 27.16 20.35 9.08
CA ASP A 373 26.44 21.21 10.05
C ASP A 373 26.82 20.81 11.48
N GLU A 374 26.38 21.60 12.45
CA GLU A 374 26.62 21.36 13.90
C GLU A 374 26.25 19.91 14.23
N GLY A 375 27.19 19.17 14.82
CA GLY A 375 26.99 17.79 15.33
C GLY A 375 27.07 16.73 14.24
N CYS A 376 27.23 17.09 12.96
CA CYS A 376 27.31 16.12 11.83
C CYS A 376 28.77 15.69 11.66
N ASP A 377 29.35 15.05 12.69
CA ASP A 377 30.83 14.85 12.78
C ASP A 377 31.17 13.36 12.65
N LEU A 378 30.29 12.57 12.04
CA LEU A 378 30.54 11.14 11.73
C LEU A 378 31.29 11.05 10.39
N ASP A 379 31.78 9.86 10.06
CA ASP A 379 32.24 9.54 8.69
C ASP A 379 31.01 9.52 7.76
N LEU A 380 30.76 10.65 7.09
CA LEU A 380 29.66 10.80 6.12
C LEU A 380 30.15 10.60 4.68
N VAL A 381 31.36 10.09 4.51
CA VAL A 381 31.97 9.76 3.18
C VAL A 381 31.83 10.98 2.27
N ALA A 382 32.24 12.15 2.75
CA ALA A 382 32.13 13.43 2.02
C ALA A 382 32.86 13.32 0.68
N HIS A 383 32.22 13.76 -0.41
CA HIS A 383 32.85 14.10 -1.72
C HIS A 383 33.17 12.85 -2.54
N GLU A 384 33.86 11.85 -1.99
CA GLU A 384 34.43 10.73 -2.79
C GLU A 384 34.17 9.37 -2.17
N ALA A 385 33.96 8.36 -3.01
CA ALA A 385 33.64 6.98 -2.60
C ALA A 385 34.81 6.48 -1.75
N LYS A 386 34.54 5.65 -0.74
CA LYS A 386 35.59 5.18 0.20
C LYS A 386 35.63 3.66 0.19
N PRO A 387 36.65 3.04 -0.42
CA PRO A 387 36.81 1.60 -0.35
C PRO A 387 37.04 1.23 1.11
N ARG A 388 36.39 0.17 1.59
CA ARG A 388 36.49 -0.22 3.01
C ARG A 388 35.86 -1.59 3.17
N LYS A 389 36.16 -2.22 4.29
CA LYS A 389 35.54 -3.51 4.64
C LYS A 389 34.06 -3.24 4.99
N ILE A 390 33.15 -3.97 4.34
CA ILE A 390 31.69 -3.89 4.61
C ILE A 390 31.17 -5.33 4.63
N ASP A 391 30.91 -5.84 5.83
CA ASP A 391 30.22 -7.14 6.00
C ASP A 391 28.71 -6.93 6.20
N VAL A 392 28.33 -5.83 6.84
CA VAL A 392 26.91 -5.56 7.20
C VAL A 392 26.57 -4.13 6.79
N ALA A 393 25.49 -4.00 6.01
CA ALA A 393 25.03 -2.70 5.52
C ALA A 393 23.58 -2.54 5.93
N LEU A 394 23.23 -1.31 6.32
N LEU A 394 23.25 -1.35 6.46
CA LEU A 394 21.88 -0.90 6.78
CA LEU A 394 21.86 -0.90 6.73
C LEU A 394 21.35 0.16 5.81
C LEU A 394 21.40 0.00 5.58
N SER A 395 20.08 0.07 5.40
CA SER A 395 19.41 1.09 4.56
C SER A 395 18.21 1.60 5.35
N ASN A 396 18.19 2.91 5.63
CA ASN A 396 17.09 3.55 6.39
C ASN A 396 16.17 4.37 5.50
N SER A 397 14.89 4.36 5.84
CA SER A 397 13.89 5.27 5.24
C SER A 397 12.98 5.76 6.36
N PHE A 398 12.55 7.03 6.25
N PHE A 398 12.61 7.04 6.32
CA PHE A 398 11.57 7.69 7.15
CA PHE A 398 11.51 7.61 7.15
C PHE A 398 10.59 8.51 6.29
C PHE A 398 10.56 8.35 6.20
N GLY A 399 9.31 8.52 6.63
CA GLY A 399 8.30 9.19 5.78
C GLY A 399 7.26 9.93 6.55
N PHE A 400 6.48 10.73 5.83
CA PHE A 400 5.24 11.38 6.31
C PHE A 400 4.46 10.32 7.06
N GLY A 401 3.88 10.74 8.18
CA GLY A 401 3.11 9.87 9.08
C GLY A 401 3.99 9.26 10.16
N GLY A 402 5.27 9.63 10.19
CA GLY A 402 6.24 9.12 11.18
C GLY A 402 6.59 7.66 10.93
N THR A 403 6.49 7.20 9.69
N THR A 403 6.41 7.23 9.69
CA THR A 403 6.69 5.77 9.33
CA THR A 403 6.75 5.86 9.21
C THR A 403 8.17 5.53 9.01
C THR A 403 8.27 5.71 9.25
N ASN A 404 8.78 4.55 9.68
CA ASN A 404 10.22 4.24 9.61
C ASN A 404 10.41 2.79 9.15
N GLY A 405 11.43 2.59 8.32
CA GLY A 405 11.88 1.26 7.91
C GLY A 405 13.39 1.17 7.89
N THR A 406 13.92 0.03 8.29
CA THR A 406 15.34 -0.28 8.20
C THR A 406 15.48 -1.70 7.63
N LEU A 407 16.33 -1.85 6.64
CA LEU A 407 16.76 -3.17 6.11
C LEU A 407 18.22 -3.40 6.49
N VAL A 408 18.53 -4.64 6.88
CA VAL A 408 19.92 -5.08 7.20
C VAL A 408 20.31 -6.19 6.22
N PHE A 409 21.39 -5.94 5.49
CA PHE A 409 21.98 -6.85 4.49
C PHE A 409 23.36 -7.27 4.99
N ARG A 410 23.79 -8.47 4.65
CA ARG A 410 25.18 -8.86 4.91
C ARG A 410 25.71 -9.71 3.77
N ARG A 411 27.03 -9.83 3.66
CA ARG A 411 27.66 -10.69 2.63
C ARG A 411 27.17 -12.13 2.82
N PHE A 412 27.02 -12.83 1.70
CA PHE A 412 26.73 -14.28 1.69
C PHE A 412 27.91 -15.06 1.08
N ALA A 413 28.35 -16.14 1.74
CA ALA A 413 29.35 -17.11 1.21
C ALA A 413 28.77 -18.53 1.21
N SER B 2 5.79 -22.11 15.17
CA SER B 2 4.38 -21.96 15.65
C SER B 2 3.92 -20.51 15.52
N ARG B 3 2.66 -20.25 15.87
CA ARG B 3 1.92 -19.02 15.54
C ARG B 3 1.00 -18.64 16.70
N ARG B 4 0.87 -17.36 17.00
CA ARG B 4 -0.05 -16.90 18.07
C ARG B 4 -1.45 -16.74 17.47
N ARG B 5 -2.45 -16.83 18.32
CA ARG B 5 -3.86 -16.72 17.91
C ARG B 5 -4.27 -15.23 17.92
N VAL B 6 -5.12 -14.87 16.97
CA VAL B 6 -5.55 -13.48 16.69
C VAL B 6 -7.08 -13.38 16.80
N VAL B 7 -7.55 -12.46 17.63
CA VAL B 7 -8.99 -12.27 17.88
C VAL B 7 -9.32 -10.82 17.53
N ILE B 8 -10.61 -10.57 17.32
CA ILE B 8 -11.21 -9.23 17.01
C ILE B 8 -11.87 -8.72 18.30
N THR B 9 -11.41 -7.57 18.80
CA THR B 9 -11.88 -7.01 20.08
C THR B 9 -12.53 -5.64 19.88
N GLY B 10 -12.51 -5.08 18.67
CA GLY B 10 -13.09 -3.74 18.43
C GLY B 10 -13.38 -3.56 16.96
N MET B 11 -14.52 -2.94 16.65
CA MET B 11 -14.88 -2.66 15.23
C MET B 11 -15.42 -1.23 15.15
N GLY B 12 -15.20 -0.62 13.98
CA GLY B 12 -15.67 0.74 13.63
C GLY B 12 -15.99 0.83 12.16
N MET B 13 -16.91 1.71 11.78
CA MET B 13 -17.39 1.74 10.38
C MET B 13 -18.10 3.07 10.10
N LEU B 14 -17.93 3.58 8.88
CA LEU B 14 -18.86 4.48 8.17
C LEU B 14 -19.30 3.76 6.90
N SER B 15 -20.59 3.73 6.62
CA SER B 15 -21.09 3.10 5.38
C SER B 15 -22.29 3.89 4.89
N PRO B 16 -22.75 3.58 3.66
CA PRO B 16 -24.00 4.12 3.15
C PRO B 16 -25.21 3.78 4.01
N LEU B 17 -25.10 2.79 4.92
CA LEU B 17 -26.24 2.39 5.79
C LEU B 17 -26.18 3.10 7.15
N GLY B 18 -25.04 3.68 7.53
CA GLY B 18 -24.95 4.26 8.88
C GLY B 18 -23.58 4.79 9.24
N LEU B 19 -23.54 5.55 10.33
CA LEU B 19 -22.31 6.23 10.81
C LEU B 19 -21.59 5.39 11.87
N ASP B 20 -22.04 4.16 12.09
CA ASP B 20 -21.34 3.22 13.00
C ASP B 20 -21.72 1.79 12.66
N VAL B 21 -21.19 0.84 13.41
CA VAL B 21 -21.36 -0.59 13.08
C VAL B 21 -22.82 -0.97 13.32
N PRO B 22 -23.39 -0.73 14.52
CA PRO B 22 -24.72 -1.27 14.83
C PRO B 22 -25.80 -0.70 13.91
N SER B 23 -25.73 0.58 13.54
CA SER B 23 -26.70 1.17 12.59
C SER B 23 -26.50 0.52 11.20
N SER B 24 -25.27 0.35 10.76
CA SER B 24 -24.95 -0.26 9.45
C SER B 24 -25.51 -1.70 9.43
N TRP B 25 -25.25 -2.46 10.50
CA TRP B 25 -25.62 -3.89 10.59
C TRP B 25 -27.14 -4.04 10.63
N GLU B 26 -27.83 -3.12 11.31
CA GLU B 26 -29.30 -3.11 11.39
C GLU B 26 -29.88 -2.96 9.98
N GLY B 27 -29.31 -2.09 9.14
CA GLY B 27 -29.75 -1.92 7.74
C GLY B 27 -29.50 -3.19 6.96
N ILE B 28 -28.34 -3.82 7.18
CA ILE B 28 -27.92 -5.05 6.45
C ILE B 28 -28.98 -6.14 6.70
N LEU B 29 -29.34 -6.37 7.96
CA LEU B 29 -30.27 -7.46 8.33
C LEU B 29 -31.70 -7.13 7.91
N ALA B 30 -32.06 -5.86 7.71
CA ALA B 30 -33.38 -5.44 7.20
C ALA B 30 -33.37 -5.35 5.66
N GLY B 31 -32.27 -5.61 4.97
CA GLY B 31 -32.29 -5.58 3.49
C GLY B 31 -32.46 -4.17 2.96
N ARG B 32 -32.07 -3.17 3.74
CA ARG B 32 -32.13 -1.74 3.34
C ARG B 32 -30.99 -1.42 2.35
N SER B 33 -31.29 -0.63 1.33
CA SER B 33 -30.29 -0.05 0.38
C SER B 33 -29.78 1.30 0.92
N GLY B 34 -28.48 1.57 0.80
CA GLY B 34 -27.92 2.90 1.10
C GLY B 34 -27.63 3.66 -0.19
N ILE B 35 -28.16 3.17 -1.32
CA ILE B 35 -27.85 3.74 -2.66
C ILE B 35 -28.89 4.80 -3.01
N ALA B 36 -28.41 5.92 -3.57
CA ALA B 36 -29.24 7.09 -3.89
C ALA B 36 -28.51 7.99 -4.87
N PRO B 37 -29.26 8.84 -5.62
CA PRO B 37 -28.65 9.86 -6.45
C PRO B 37 -27.71 10.68 -5.57
N ILE B 38 -26.56 10.98 -6.14
CA ILE B 38 -25.47 11.72 -5.43
C ILE B 38 -25.84 13.20 -5.40
N GLU B 39 -25.74 13.83 -4.24
CA GLU B 39 -26.15 15.24 -4.05
C GLU B 39 -24.91 16.15 -4.01
N HIS B 40 -25.13 17.46 -4.08
CA HIS B 40 -24.05 18.49 -4.04
C HIS B 40 -22.91 17.99 -4.96
N MET B 41 -23.25 17.85 -6.24
CA MET B 41 -22.34 17.48 -7.34
C MET B 41 -23.17 17.31 -8.61
N ASP B 42 -22.90 18.11 -9.65
CA ASP B 42 -23.68 18.13 -10.91
C ASP B 42 -23.25 16.94 -11.78
N LEU B 43 -24.09 15.90 -11.89
CA LEU B 43 -23.74 14.66 -12.63
C LEU B 43 -24.51 14.59 -13.96
N SER B 44 -25.04 15.71 -14.46
CA SER B 44 -25.78 15.74 -15.76
C SER B 44 -24.99 15.06 -16.88
N ALA B 45 -23.70 15.34 -16.99
CA ALA B 45 -22.87 14.87 -18.13
C ALA B 45 -22.41 13.43 -17.91
N TYR B 46 -22.77 12.80 -16.79
CA TYR B 46 -22.30 11.44 -16.41
C TYR B 46 -23.37 10.39 -16.73
N SER B 47 -22.95 9.17 -17.05
CA SER B 47 -23.87 8.04 -17.37
C SER B 47 -24.33 7.33 -16.08
N THR B 48 -23.64 7.56 -14.95
CA THR B 48 -24.07 7.12 -13.60
C THR B 48 -24.24 8.35 -12.71
N ARG B 49 -25.37 8.46 -12.01
CA ARG B 49 -25.75 9.66 -11.20
C ARG B 49 -25.99 9.29 -9.75
N PHE B 50 -25.72 8.05 -9.38
CA PHE B 50 -26.07 7.52 -8.05
C PHE B 50 -24.88 6.72 -7.48
N GLY B 51 -24.95 6.46 -6.20
CA GLY B 51 -23.97 5.63 -5.47
C GLY B 51 -24.33 5.56 -4.00
N GLY B 52 -23.43 4.97 -3.21
CA GLY B 52 -23.49 4.90 -1.74
C GLY B 52 -22.68 6.00 -1.10
N SER B 53 -23.34 7.07 -0.65
CA SER B 53 -22.68 8.20 0.06
C SER B 53 -22.79 7.93 1.55
N VAL B 54 -21.81 8.40 2.33
CA VAL B 54 -21.93 8.48 3.81
C VAL B 54 -22.84 9.67 4.10
N LYS B 55 -23.94 9.49 4.82
CA LYS B 55 -24.95 10.57 5.05
C LYS B 55 -24.85 11.11 6.48
N GLY B 56 -24.58 12.41 6.62
CA GLY B 56 -24.59 13.12 7.93
C GLY B 56 -23.31 12.95 8.74
N PHE B 57 -22.18 12.62 8.11
CA PHE B 57 -20.89 12.44 8.82
C PHE B 57 -20.48 13.78 9.43
N ASN B 58 -20.18 13.75 10.71
CA ASN B 58 -19.66 14.92 11.44
C ASN B 58 -18.23 14.65 11.90
N VAL B 59 -17.24 15.09 11.12
CA VAL B 59 -15.81 14.87 11.42
C VAL B 59 -15.42 15.55 12.76
N GLU B 60 -16.12 16.60 13.17
CA GLU B 60 -15.81 17.32 14.43
C GLU B 60 -16.15 16.47 15.65
N GLU B 61 -16.80 15.31 15.49
CA GLU B 61 -16.90 14.32 16.60
C GLU B 61 -15.51 13.72 16.89
N TYR B 62 -14.60 13.79 15.91
CA TYR B 62 -13.30 13.09 15.95
C TYR B 62 -12.15 14.10 16.02
N LEU B 63 -12.21 15.14 15.19
CA LEU B 63 -11.10 16.10 15.02
C LEU B 63 -11.65 17.52 15.15
N SER B 64 -10.76 18.46 15.49
CA SER B 64 -11.06 19.92 15.38
C SER B 64 -11.34 20.23 13.91
N ALA B 65 -12.16 21.24 13.60
CA ALA B 65 -12.38 21.69 12.20
C ALA B 65 -11.01 21.94 11.53
N LYS B 66 -10.13 22.58 12.26
CA LYS B 66 -8.81 23.00 11.70
C LYS B 66 -8.00 21.76 11.27
N GLU B 67 -7.97 20.71 12.09
N GLU B 67 -7.95 20.75 12.16
CA GLU B 67 -7.19 19.50 11.72
CA GLU B 67 -7.32 19.42 11.91
C GLU B 67 -7.91 18.76 10.59
C GLU B 67 -7.92 18.83 10.63
N ALA B 68 -9.24 18.69 10.61
CA ALA B 68 -10.03 18.03 9.56
C ALA B 68 -9.81 18.70 8.18
N ARG B 69 -9.62 20.04 8.13
CA ARG B 69 -9.44 20.80 6.87
C ARG B 69 -8.16 20.34 6.16
N LYS B 70 -7.27 19.67 6.88
CA LYS B 70 -5.93 19.29 6.35
C LYS B 70 -6.06 17.95 5.63
N LEU B 71 -7.20 17.26 5.74
CA LEU B 71 -7.31 15.82 5.37
C LEU B 71 -8.38 15.58 4.32
N ASP B 72 -8.04 14.82 3.30
CA ASP B 72 -9.06 14.30 2.35
C ASP B 72 -10.15 13.54 3.13
N LEU B 73 -11.35 13.52 2.55
CA LEU B 73 -12.51 12.77 3.09
C LEU B 73 -12.13 11.30 3.35
N PHE B 74 -11.41 10.61 2.45
CA PHE B 74 -11.07 9.16 2.69
C PHE B 74 -10.26 9.05 4.01
N ILE B 75 -9.40 10.01 4.34
CA ILE B 75 -8.60 9.97 5.61
C ILE B 75 -9.52 10.23 6.80
N GLN B 76 -10.39 11.21 6.68
CA GLN B 76 -11.41 11.49 7.73
C GLN B 76 -12.21 10.21 8.00
N TYR B 77 -12.67 9.52 6.95
CA TYR B 77 -13.51 8.30 7.14
C TYR B 77 -12.71 7.18 7.79
N GLY B 78 -11.45 7.01 7.38
CA GLY B 78 -10.57 5.99 7.99
C GLY B 78 -10.33 6.26 9.46
N LEU B 79 -10.04 7.52 9.79
CA LEU B 79 -9.81 7.94 11.19
C LEU B 79 -11.09 7.71 12.01
N ALA B 80 -12.26 8.06 11.46
CA ALA B 80 -13.55 7.83 12.17
C ALA B 80 -13.72 6.34 12.51
N ALA B 81 -13.60 5.45 11.52
CA ALA B 81 -13.71 3.98 11.75
C ALA B 81 -12.68 3.54 12.80
N SER B 82 -11.43 4.01 12.67
CA SER B 82 -10.30 3.61 13.55
C SER B 82 -10.58 4.05 14.98
N PHE B 83 -11.00 5.29 15.18
CA PHE B 83 -11.24 5.80 16.55
C PHE B 83 -12.39 4.97 17.17
N GLN B 84 -13.42 4.68 16.38
CA GLN B 84 -14.58 3.88 16.84
C GLN B 84 -14.07 2.51 17.31
N ALA B 85 -13.24 1.87 16.49
CA ALA B 85 -12.75 0.50 16.72
C ALA B 85 -11.92 0.46 18.02
N VAL B 86 -11.03 1.41 18.20
CA VAL B 86 -10.17 1.48 19.40
C VAL B 86 -11.05 1.72 20.64
N ARG B 87 -11.97 2.67 20.58
CA ARG B 87 -12.97 2.91 21.65
C ARG B 87 -13.73 1.59 21.92
N ASP B 88 -14.20 0.90 20.88
CA ASP B 88 -15.03 -0.32 21.06
C ASP B 88 -14.17 -1.43 21.72
N SER B 89 -12.86 -1.47 21.49
CA SER B 89 -11.94 -2.48 22.07
C SER B 89 -11.75 -2.31 23.59
N GLY B 90 -11.82 -1.08 24.11
CA GLY B 90 -11.48 -0.77 25.52
C GLY B 90 -9.97 -0.79 25.78
N LEU B 91 -9.16 -0.94 24.75
CA LEU B 91 -7.69 -0.99 24.91
C LEU B 91 -7.18 0.31 25.55
N GLU B 92 -6.28 0.18 26.51
CA GLU B 92 -5.56 1.32 27.14
C GLU B 92 -4.12 1.31 26.62
N VAL B 93 -3.74 2.34 25.88
CA VAL B 93 -2.36 2.54 25.38
C VAL B 93 -1.52 3.15 26.51
N THR B 94 -0.36 2.55 26.80
CA THR B 94 0.58 2.93 27.88
C THR B 94 2.01 2.96 27.35
N ASP B 95 2.94 3.52 28.12
CA ASP B 95 4.38 3.48 27.79
C ASP B 95 4.82 2.01 27.73
N ALA B 96 4.18 1.11 28.49
CA ALA B 96 4.57 -0.31 28.55
C ALA B 96 4.09 -1.06 27.30
N ASN B 97 3.16 -0.55 26.48
CA ASN B 97 2.67 -1.35 25.32
C ASN B 97 2.60 -0.58 24.01
N ARG B 98 2.90 0.72 23.98
CA ARG B 98 2.67 1.52 22.75
C ARG B 98 3.55 0.99 21.60
N GLU B 99 4.71 0.39 21.86
CA GLU B 99 5.60 -0.13 20.77
C GLU B 99 5.00 -1.41 20.20
N ARG B 100 4.00 -1.99 20.85
CA ARG B 100 3.42 -3.28 20.42
C ARG B 100 2.06 -3.02 19.73
N ILE B 101 1.72 -1.74 19.48
CA ILE B 101 0.41 -1.37 18.90
C ILE B 101 0.67 -0.63 17.59
N GLY B 102 0.24 -1.21 16.48
CA GLY B 102 0.45 -0.65 15.15
C GLY B 102 -0.86 -0.42 14.40
N VAL B 103 -0.73 0.04 13.16
N VAL B 103 -0.74 -0.04 13.14
CA VAL B 103 -1.86 0.43 12.27
CA VAL B 103 -1.91 0.36 12.31
C VAL B 103 -1.53 0.00 10.84
C VAL B 103 -1.59 0.12 10.83
N SER B 104 -2.54 -0.52 10.13
CA SER B 104 -2.49 -0.76 8.68
C SER B 104 -3.89 -0.46 8.15
N MET B 105 -4.13 0.80 7.81
CA MET B 105 -5.38 1.25 7.20
C MET B 105 -5.02 1.67 5.77
N GLY B 106 -5.71 1.07 4.81
CA GLY B 106 -5.44 1.23 3.37
C GLY B 106 -6.52 2.00 2.65
N SER B 107 -6.30 2.20 1.37
CA SER B 107 -7.29 2.75 0.41
C SER B 107 -6.91 2.26 -0.99
N GLY B 108 -7.92 2.05 -1.83
CA GLY B 108 -7.72 1.60 -3.22
C GLY B 108 -7.29 2.73 -4.12
N ILE B 109 -7.89 3.92 -3.94
CA ILE B 109 -7.68 5.07 -4.87
C ILE B 109 -7.23 6.33 -4.13
N GLY B 110 -7.46 6.44 -2.82
CA GLY B 110 -6.95 7.54 -1.99
C GLY B 110 -7.58 8.87 -2.34
N GLY B 111 -6.79 9.92 -2.52
CA GLY B 111 -7.26 11.31 -2.33
C GLY B 111 -7.77 11.99 -3.59
N LEU B 112 -8.65 11.33 -4.35
CA LEU B 112 -9.21 11.87 -5.62
C LEU B 112 -9.89 13.22 -5.46
N THR B 113 -10.70 13.39 -4.42
CA THR B 113 -11.48 14.62 -4.15
C THR B 113 -10.51 15.78 -3.95
N ASN B 114 -9.53 15.59 -3.06
N ASN B 114 -9.50 15.60 -3.11
CA ASN B 114 -8.44 16.57 -2.78
CA ASN B 114 -8.50 16.66 -2.83
C ASN B 114 -7.68 16.90 -4.08
C ASN B 114 -7.62 16.90 -4.06
N ILE B 115 -7.29 15.85 -4.83
CA ILE B 115 -6.55 16.02 -6.11
C ILE B 115 -7.38 16.89 -7.05
N GLU B 116 -8.68 16.62 -7.13
CA GLU B 116 -9.68 17.32 -7.99
C GLU B 116 -9.70 18.80 -7.63
N ASN B 117 -9.92 19.11 -6.35
CA ASN B 117 -9.98 20.50 -5.83
C ASN B 117 -8.63 21.21 -6.00
N ASN B 118 -7.49 20.52 -5.90
CA ASN B 118 -6.17 21.18 -6.02
C ASN B 118 -5.81 21.40 -7.50
N CYS B 119 -6.21 20.49 -8.39
CA CYS B 119 -6.14 20.67 -9.88
C CYS B 119 -6.87 21.94 -10.29
N ARG B 120 -8.06 22.18 -9.72
CA ARG B 120 -8.85 23.41 -9.94
C ARG B 120 -7.96 24.62 -9.62
N SER B 121 -7.46 24.73 -8.38
CA SER B 121 -6.55 25.84 -7.97
C SER B 121 -5.41 25.94 -9.00
N LEU B 122 -4.75 24.81 -9.30
CA LEU B 122 -3.52 24.79 -10.13
C LEU B 122 -3.82 25.35 -11.52
N PHE B 123 -4.88 24.86 -12.16
CA PHE B 123 -5.28 25.23 -13.54
C PHE B 123 -5.82 26.66 -13.60
N GLU B 124 -6.59 27.09 -12.59
CA GLU B 124 -7.26 28.41 -12.60
C GLU B 124 -6.28 29.52 -12.19
N GLN B 125 -5.46 29.27 -11.15
N GLN B 125 -5.48 29.34 -11.13
CA GLN B 125 -4.71 30.30 -10.39
CA GLN B 125 -4.62 30.42 -10.59
C GLN B 125 -3.20 29.98 -10.29
C GLN B 125 -3.21 29.91 -10.22
N GLY B 126 -2.71 28.90 -10.91
CA GLY B 126 -1.29 28.51 -10.86
C GLY B 126 -0.89 27.80 -9.57
N PRO B 127 0.37 27.30 -9.47
CA PRO B 127 0.79 26.42 -8.38
C PRO B 127 0.85 27.03 -6.98
N ARG B 128 0.87 28.35 -6.85
CA ARG B 128 1.09 29.03 -5.54
C ARG B 128 -0.18 28.95 -4.70
N ARG B 129 -1.33 28.63 -5.28
CA ARG B 129 -2.61 28.48 -4.55
C ARG B 129 -2.83 27.03 -4.11
N ILE B 130 -1.91 26.11 -4.37
CA ILE B 130 -1.99 24.70 -3.89
C ILE B 130 -1.81 24.71 -2.37
N SER B 131 -2.68 24.00 -1.66
CA SER B 131 -2.62 23.86 -0.19
C SER B 131 -1.26 23.29 0.23
N PRO B 132 -0.63 23.90 1.26
CA PRO B 132 0.56 23.34 1.89
C PRO B 132 0.34 21.90 2.41
N PHE B 133 -0.91 21.55 2.67
CA PHE B 133 -1.26 20.23 3.24
C PHE B 133 -1.68 19.27 2.13
N PHE B 134 -1.57 19.69 0.87
CA PHE B 134 -1.99 18.87 -0.29
C PHE B 134 -1.42 17.45 -0.19
N VAL B 135 -0.10 17.30 -0.09
CA VAL B 135 0.58 15.97 -0.11
C VAL B 135 0.22 15.18 1.15
N PRO B 136 0.55 15.65 2.39
CA PRO B 136 0.31 14.82 3.57
C PRO B 136 -1.19 14.54 3.73
N GLY B 137 -2.04 15.49 3.30
CA GLY B 137 -3.50 15.39 3.42
C GLY B 137 -4.15 14.53 2.34
N SER B 138 -3.38 13.97 1.41
CA SER B 138 -3.92 13.22 0.25
C SER B 138 -3.34 11.80 0.15
N ILE B 139 -2.19 11.52 0.75
CA ILE B 139 -1.46 10.22 0.57
C ILE B 139 -2.11 9.17 1.47
N ILE B 140 -2.10 7.95 0.99
CA ILE B 140 -2.95 6.84 1.52
C ILE B 140 -2.48 6.45 2.93
N ASN B 141 -1.21 6.64 3.26
CA ASN B 141 -0.67 6.16 4.56
C ASN B 141 -0.95 7.18 5.69
N MET B 142 -1.69 8.26 5.41
CA MET B 142 -1.98 9.28 6.44
C MET B 142 -3.09 8.86 7.41
N VAL B 143 -3.90 7.85 7.11
CA VAL B 143 -4.82 7.30 8.15
C VAL B 143 -3.94 6.62 9.22
N SER B 144 -3.06 5.69 8.80
CA SER B 144 -2.10 5.03 9.73
C SER B 144 -1.26 6.10 10.44
N GLY B 145 -0.75 7.08 9.70
CA GLY B 145 0.08 8.15 10.25
C GLY B 145 -0.65 8.96 11.31
N PHE B 146 -1.81 9.52 10.97
CA PHE B 146 -2.54 10.45 11.87
C PHE B 146 -3.04 9.68 13.08
N LEU B 147 -3.52 8.46 12.86
CA LEU B 147 -4.00 7.61 13.99
C LEU B 147 -2.84 7.35 14.97
N SER B 148 -1.69 6.92 14.46
N SER B 148 -1.69 6.92 14.44
CA SER B 148 -0.48 6.62 15.29
CA SER B 148 -0.46 6.63 15.22
C SER B 148 -0.11 7.87 16.10
C SER B 148 -0.08 7.86 16.06
N ILE B 149 -0.09 9.04 15.46
CA ILE B 149 0.28 10.32 16.13
C ILE B 149 -0.78 10.64 17.20
N HIS B 150 -2.06 10.50 16.87
CA HIS B 150 -3.15 10.89 17.79
C HIS B 150 -3.12 9.99 19.02
N LEU B 151 -2.87 8.69 18.87
CA LEU B 151 -3.03 7.71 19.99
C LEU B 151 -1.66 7.33 20.58
N GLY B 152 -0.56 7.80 20.02
CA GLY B 152 0.79 7.43 20.51
C GLY B 152 1.13 5.98 20.16
N LEU B 153 0.72 5.49 18.99
CA LEU B 153 1.00 4.09 18.58
C LEU B 153 2.36 4.03 17.90
N GLN B 154 3.24 3.16 18.38
CA GLN B 154 4.65 3.13 17.90
C GLN B 154 4.96 1.79 17.25
N GLY B 155 3.96 0.91 17.13
CA GLY B 155 4.03 -0.40 16.46
C GLY B 155 4.18 -0.26 14.96
N PRO B 156 4.17 -1.39 14.21
CA PRO B 156 4.24 -1.35 12.76
C PRO B 156 3.23 -0.35 12.21
N ASN B 157 3.70 0.58 11.37
N ASN B 157 3.70 0.54 11.32
CA ASN B 157 2.87 1.66 10.78
CA ASN B 157 2.94 1.69 10.77
C ASN B 157 3.01 1.61 9.26
C ASN B 157 3.02 1.62 9.23
N TYR B 158 1.96 1.16 8.58
CA TYR B 158 1.97 0.99 7.11
C TYR B 158 0.57 1.09 6.54
N ALA B 159 0.50 1.05 5.21
CA ALA B 159 -0.80 1.11 4.49
C ALA B 159 -0.66 0.25 3.23
N LEU B 160 -1.67 -0.57 3.00
CA LEU B 160 -1.81 -1.35 1.74
C LEU B 160 -2.61 -0.52 0.72
N THR B 161 -2.44 -0.82 -0.54
CA THR B 161 -3.28 -0.30 -1.64
C THR B 161 -3.33 -1.41 -2.69
N THR B 162 -4.37 -2.24 -2.63
CA THR B 162 -4.58 -3.35 -3.58
C THR B 162 -5.98 -3.18 -4.15
N ALA B 163 -6.32 -1.98 -4.61
CA ALA B 163 -7.59 -1.70 -5.27
C ALA B 163 -8.72 -2.25 -4.39
N GLN B 164 -9.62 -3.03 -4.97
CA GLN B 164 -10.84 -3.52 -4.32
C GLN B 164 -10.51 -4.62 -3.28
N THR B 165 -9.24 -5.00 -3.13
CA THR B 165 -8.83 -6.08 -2.17
C THR B 165 -8.21 -5.47 -0.91
N THR B 166 -8.02 -4.14 -0.89
CA THR B 166 -7.23 -3.40 0.14
C THR B 166 -7.66 -3.80 1.56
N GLY B 167 -8.94 -3.67 1.90
CA GLY B 167 -9.40 -3.90 3.28
C GLY B 167 -9.12 -5.33 3.74
N THR B 168 -9.27 -6.32 2.85
CA THR B 168 -9.03 -7.75 3.16
C THR B 168 -7.53 -7.95 3.39
N HIS B 169 -6.70 -7.44 2.50
CA HIS B 169 -5.23 -7.58 2.63
C HIS B 169 -4.76 -6.88 3.90
N SER B 170 -5.30 -5.71 4.21
CA SER B 170 -4.87 -4.91 5.37
C SER B 170 -5.10 -5.73 6.64
N ILE B 171 -6.29 -6.30 6.76
CA ILE B 171 -6.68 -7.09 7.95
C ILE B 171 -5.82 -8.36 8.01
N GLY B 172 -5.64 -9.05 6.88
CA GLY B 172 -4.90 -10.31 6.89
C GLY B 172 -3.45 -10.13 7.28
N MET B 173 -2.78 -9.12 6.71
N MET B 173 -2.79 -9.12 6.70
CA MET B 173 -1.34 -8.87 6.96
CA MET B 173 -1.34 -8.85 6.96
C MET B 173 -1.14 -8.29 8.36
C MET B 173 -1.15 -8.32 8.39
N ALA B 174 -2.13 -7.55 8.89
CA ALA B 174 -2.13 -7.09 10.30
C ALA B 174 -2.18 -8.33 11.23
N ALA B 175 -3.07 -9.26 10.93
CA ALA B 175 -3.22 -10.55 11.66
C ALA B 175 -1.90 -11.29 11.67
N ARG B 176 -1.22 -11.37 10.51
CA ARG B 176 0.14 -11.96 10.41
C ARG B 176 1.14 -11.27 11.36
N ASN B 177 1.17 -9.93 11.39
CA ASN B 177 2.11 -9.15 12.25
C ASN B 177 1.95 -9.67 13.69
N ILE B 178 0.71 -9.86 14.13
CA ILE B 178 0.44 -10.29 15.53
C ILE B 178 0.83 -11.76 15.67
N ALA B 179 0.34 -12.59 14.74
CA ALA B 179 0.56 -14.05 14.75
C ALA B 179 2.04 -14.34 14.91
N TYR B 180 2.90 -13.57 14.25
CA TYR B 180 4.35 -13.85 14.21
C TYR B 180 5.10 -12.97 15.22
N GLY B 181 4.40 -12.33 16.15
CA GLY B 181 5.03 -11.68 17.31
C GLY B 181 5.63 -10.31 17.00
N GLU B 182 5.30 -9.69 15.85
CA GLU B 182 5.83 -8.34 15.45
C GLU B 182 4.98 -7.25 16.12
N ALA B 183 3.79 -7.59 16.61
CA ALA B 183 2.90 -6.67 17.36
C ALA B 183 1.95 -7.49 18.21
N ASP B 184 1.39 -6.89 19.24
CA ASP B 184 0.30 -7.54 20.03
C ASP B 184 -1.06 -7.00 19.61
N VAL B 185 -1.12 -5.78 19.07
CA VAL B 185 -2.39 -5.14 18.65
C VAL B 185 -2.14 -4.43 17.33
N MET B 186 -3.10 -4.53 16.41
CA MET B 186 -3.15 -3.73 15.16
C MET B 186 -4.56 -3.22 14.92
N VAL B 187 -4.65 -1.96 14.47
CA VAL B 187 -5.89 -1.38 13.90
C VAL B 187 -5.77 -1.54 12.38
N ALA B 188 -6.69 -2.22 11.73
CA ALA B 188 -6.55 -2.57 10.31
C ALA B 188 -7.90 -2.47 9.59
N GLY B 189 -7.86 -2.18 8.29
CA GLY B 189 -9.07 -1.96 7.52
C GLY B 189 -8.77 -1.04 6.38
N GLY B 190 -9.78 -0.30 5.95
CA GLY B 190 -9.65 0.51 4.74
C GLY B 190 -10.69 1.61 4.73
N SER B 191 -10.48 2.57 3.87
CA SER B 191 -11.40 3.71 3.70
C SER B 191 -11.30 4.20 2.25
N GLU B 192 -12.37 4.81 1.79
CA GLU B 192 -12.52 5.20 0.39
C GLU B 192 -13.57 6.30 0.27
N MET B 193 -13.28 7.28 -0.57
N MET B 193 -13.28 7.24 -0.63
CA MET B 193 -14.23 8.32 -1.04
CA MET B 193 -14.17 8.37 -1.02
C MET B 193 -13.81 8.69 -2.46
C MET B 193 -13.86 8.75 -2.46
N ALA B 194 -14.32 7.94 -3.43
CA ALA B 194 -14.01 8.11 -4.87
C ALA B 194 -15.25 8.62 -5.62
N ALA B 195 -16.26 9.17 -4.94
CA ALA B 195 -17.45 9.81 -5.56
C ALA B 195 -17.12 11.26 -5.91
N CYS B 196 -16.16 11.46 -6.79
CA CYS B 196 -15.92 12.75 -7.48
C CYS B 196 -16.06 12.49 -8.97
N GLY B 197 -15.87 13.51 -9.79
CA GLY B 197 -15.91 13.40 -11.25
C GLY B 197 -14.96 12.32 -11.70
N LEU B 198 -13.77 12.28 -11.11
CA LEU B 198 -12.70 11.35 -11.55
C LEU B 198 -13.12 9.91 -11.28
N GLY B 199 -13.71 9.65 -10.11
CA GLY B 199 -14.17 8.31 -9.72
C GLY B 199 -15.32 7.87 -10.60
N LEU B 200 -16.42 8.63 -10.62
CA LEU B 200 -17.63 8.33 -11.43
C LEU B 200 -17.28 8.39 -12.91
N GLY B 201 -16.52 9.40 -13.32
CA GLY B 201 -16.05 9.54 -14.70
C GLY B 201 -15.10 8.43 -15.09
N GLY B 202 -14.17 8.08 -14.20
CA GLY B 202 -13.13 7.06 -14.47
C GLY B 202 -13.73 5.67 -14.64
N PHE B 203 -14.53 5.23 -13.68
CA PHE B 203 -15.19 3.90 -13.79
C PHE B 203 -16.19 3.95 -14.94
N GLY B 204 -16.85 5.10 -15.13
CA GLY B 204 -17.83 5.34 -16.20
C GLY B 204 -17.19 5.17 -17.56
N ALA B 205 -15.97 5.69 -17.76
CA ALA B 205 -15.25 5.59 -19.06
C ALA B 205 -14.90 4.12 -19.35
N ALA B 206 -14.72 3.30 -18.31
CA ALA B 206 -14.46 1.84 -18.42
C ALA B 206 -15.79 1.08 -18.63
N ARG B 207 -16.94 1.74 -18.47
CA ARG B 207 -18.30 1.14 -18.58
C ARG B 207 -18.48 0.07 -17.49
N ALA B 208 -17.82 0.27 -16.33
CA ALA B 208 -17.76 -0.68 -15.21
C ALA B 208 -18.97 -0.50 -14.28
N LEU B 209 -19.64 0.66 -14.32
CA LEU B 209 -20.73 1.05 -13.40
C LEU B 209 -22.10 0.65 -13.94
N SER B 210 -23.00 0.21 -13.06
CA SER B 210 -24.46 0.26 -13.31
C SER B 210 -24.85 1.68 -13.76
N THR B 211 -25.70 1.79 -14.79
CA THR B 211 -26.30 3.06 -15.27
C THR B 211 -27.81 3.06 -15.01
N ARG B 212 -28.29 2.30 -14.03
CA ARG B 212 -29.75 2.18 -13.72
C ARG B 212 -30.17 3.39 -12.89
N ASN B 213 -30.10 4.59 -13.49
CA ASN B 213 -30.30 5.91 -12.84
C ASN B 213 -31.75 6.04 -12.35
N ASP B 214 -32.69 5.36 -13.01
CA ASP B 214 -34.14 5.49 -12.66
C ASP B 214 -34.43 4.74 -11.37
N GLU B 215 -33.63 3.74 -10.98
CA GLU B 215 -33.92 2.89 -9.79
C GLU B 215 -32.62 2.53 -9.06
N PRO B 216 -31.99 3.52 -8.38
CA PRO B 216 -30.66 3.32 -7.82
C PRO B 216 -30.59 2.19 -6.80
N THR B 217 -31.67 1.98 -6.04
CA THR B 217 -31.70 0.94 -4.97
C THR B 217 -31.75 -0.47 -5.58
N ARG B 218 -32.14 -0.59 -6.85
CA ARG B 218 -32.25 -1.90 -7.55
C ARG B 218 -30.98 -2.13 -8.36
N ALA B 219 -30.06 -1.14 -8.44
CA ALA B 219 -28.90 -1.19 -9.37
C ALA B 219 -27.97 -2.32 -8.99
N SER B 220 -27.64 -2.45 -7.69
CA SER B 220 -26.67 -3.45 -7.20
C SER B 220 -27.44 -4.76 -7.05
N ARG B 221 -27.26 -5.71 -7.96
CA ARG B 221 -28.08 -6.96 -7.96
C ARG B 221 -27.19 -8.14 -8.27
N PRO B 222 -26.27 -8.49 -7.33
CA PRO B 222 -25.30 -9.54 -7.57
C PRO B 222 -25.98 -10.87 -7.96
N TRP B 223 -25.48 -11.49 -9.03
CA TRP B 223 -25.95 -12.80 -9.61
C TRP B 223 -27.32 -12.71 -10.28
N ASP B 224 -27.96 -11.54 -10.36
CA ASP B 224 -29.26 -11.36 -11.04
C ASP B 224 -28.99 -11.19 -12.53
N ARG B 225 -29.86 -11.72 -13.37
CA ARG B 225 -29.60 -11.77 -14.82
C ARG B 225 -29.58 -10.36 -15.44
N ASP B 226 -30.14 -9.34 -14.76
CA ASP B 226 -30.27 -7.95 -15.30
C ASP B 226 -29.21 -7.00 -14.71
N ARG B 227 -28.21 -7.50 -14.00
CA ARG B 227 -27.11 -6.68 -13.43
C ARG B 227 -26.31 -6.09 -14.59
N ASP B 228 -25.76 -4.90 -14.38
CA ASP B 228 -25.10 -4.11 -15.45
C ASP B 228 -23.89 -3.36 -14.88
N GLY B 229 -23.28 -3.89 -13.82
CA GLY B 229 -22.01 -3.39 -13.27
C GLY B 229 -22.18 -2.93 -11.84
N PHE B 230 -21.10 -2.48 -11.21
CA PHE B 230 -21.10 -2.27 -9.73
C PHE B 230 -21.59 -0.85 -9.46
N VAL B 231 -21.85 -0.61 -8.20
CA VAL B 231 -22.34 0.70 -7.68
C VAL B 231 -21.23 1.25 -6.78
N LEU B 232 -20.78 2.47 -7.07
CA LEU B 232 -19.66 3.10 -6.36
C LEU B 232 -20.14 3.64 -5.01
N SER B 233 -19.47 3.25 -3.94
CA SER B 233 -19.82 3.62 -2.55
C SER B 233 -18.59 4.09 -1.76
N ASP B 234 -18.87 4.84 -0.69
CA ASP B 234 -17.89 5.52 0.18
C ASP B 234 -18.00 4.94 1.58
N GLY B 235 -16.94 5.10 2.35
CA GLY B 235 -16.97 4.74 3.78
C GLY B 235 -15.67 4.14 4.22
N SER B 236 -15.73 3.35 5.30
CA SER B 236 -14.53 2.89 6.02
C SER B 236 -14.91 1.74 6.95
N GLY B 237 -13.99 0.80 7.13
CA GLY B 237 -14.09 -0.18 8.22
C GLY B 237 -12.77 -0.31 8.93
N ALA B 238 -12.79 -0.52 10.24
CA ALA B 238 -11.57 -0.76 11.04
C ALA B 238 -11.88 -1.83 12.06
N LEU B 239 -10.93 -2.72 12.25
CA LEU B 239 -10.97 -3.76 13.29
C LEU B 239 -9.77 -3.58 14.20
N VAL B 240 -9.98 -3.83 15.49
CA VAL B 240 -8.87 -4.02 16.45
C VAL B 240 -8.60 -5.52 16.47
N LEU B 241 -7.42 -5.89 15.96
CA LEU B 241 -6.87 -7.25 16.00
C LEU B 241 -5.96 -7.31 17.23
N GLU B 242 -5.97 -8.43 17.91
CA GLU B 242 -5.29 -8.55 19.22
C GLU B 242 -4.90 -10.01 19.45
N GLU B 243 -3.69 -10.22 19.92
CA GLU B 243 -3.21 -11.56 20.36
C GLU B 243 -4.14 -12.04 21.49
N LEU B 244 -4.54 -13.31 21.43
CA LEU B 244 -5.58 -13.89 22.32
C LEU B 244 -5.19 -13.74 23.79
N GLU B 245 -3.99 -14.14 24.18
CA GLU B 245 -3.56 -14.07 25.60
C GLU B 245 -3.57 -12.61 26.08
N HIS B 246 -3.17 -11.65 25.25
CA HIS B 246 -3.25 -10.20 25.56
C HIS B 246 -4.71 -9.79 25.76
N ALA B 247 -5.62 -10.21 24.89
CA ALA B 247 -7.07 -9.90 25.01
C ALA B 247 -7.62 -10.49 26.32
N ARG B 248 -7.35 -11.76 26.61
CA ARG B 248 -7.86 -12.46 27.83
C ARG B 248 -7.32 -11.79 29.10
N ALA B 249 -6.05 -11.34 29.09
CA ALA B 249 -5.37 -10.80 30.28
C ALA B 249 -6.07 -9.52 30.76
N ARG B 250 -6.54 -8.66 29.86
CA ARG B 250 -7.22 -7.40 30.24
C ARG B 250 -8.75 -7.57 30.23
N GLY B 251 -9.25 -8.77 29.96
CA GLY B 251 -10.69 -9.10 29.97
C GLY B 251 -11.45 -8.42 28.83
N ALA B 252 -10.86 -8.35 27.64
CA ALA B 252 -11.52 -7.80 26.44
C ALA B 252 -12.73 -8.66 26.09
N ARG B 253 -13.74 -8.02 25.50
CA ARG B 253 -14.89 -8.69 24.87
C ARG B 253 -14.36 -9.13 23.50
N ILE B 254 -14.41 -10.42 23.20
CA ILE B 254 -13.89 -10.98 21.93
C ILE B 254 -15.07 -11.26 21.01
N TYR B 255 -15.12 -10.64 19.84
CA TYR B 255 -16.18 -10.91 18.86
C TYR B 255 -15.98 -12.27 18.19
N ALA B 256 -14.78 -12.59 17.74
CA ALA B 256 -14.53 -13.76 16.88
C ALA B 256 -13.03 -13.94 16.79
N GLU B 257 -12.60 -15.04 16.18
CA GLU B 257 -11.17 -15.33 15.97
C GLU B 257 -10.89 -15.24 14.46
N LEU B 258 -9.75 -14.66 14.11
CA LEU B 258 -9.26 -14.67 12.70
C LEU B 258 -8.29 -15.85 12.56
N VAL B 259 -8.73 -16.92 11.89
CA VAL B 259 -8.05 -18.23 11.87
C VAL B 259 -7.29 -18.42 10.56
N GLY B 260 -7.69 -17.72 9.48
CA GLY B 260 -7.08 -17.93 8.16
C GLY B 260 -7.03 -16.66 7.33
N PHE B 261 -6.00 -16.59 6.47
CA PHE B 261 -5.80 -15.54 5.46
C PHE B 261 -5.16 -16.16 4.24
N GLY B 262 -5.79 -15.94 3.11
CA GLY B 262 -5.29 -16.37 1.81
C GLY B 262 -5.10 -15.18 0.91
N MET B 263 -4.08 -15.26 0.07
CA MET B 263 -3.79 -14.33 -1.04
C MET B 263 -3.49 -15.22 -2.25
N SER B 264 -3.71 -14.68 -3.42
CA SER B 264 -3.35 -15.31 -4.71
C SER B 264 -3.42 -14.21 -5.74
N GLY B 265 -2.73 -14.39 -6.84
CA GLY B 265 -2.89 -13.55 -8.04
C GLY B 265 -3.45 -14.41 -9.13
N ASP B 266 -4.51 -13.94 -9.80
CA ASP B 266 -5.08 -14.54 -11.05
C ASP B 266 -3.99 -14.66 -12.11
N ALA B 267 -3.17 -13.60 -12.25
CA ALA B 267 -2.25 -13.42 -13.39
C ALA B 267 -3.04 -13.57 -14.70
N PHE B 268 -4.25 -13.01 -14.77
CA PHE B 268 -5.17 -13.19 -15.92
C PHE B 268 -5.36 -11.88 -16.68
N HIS B 269 -5.98 -10.86 -16.08
CA HIS B 269 -6.36 -9.61 -16.79
C HIS B 269 -6.33 -8.42 -15.81
N MET B 270 -6.17 -7.20 -16.35
CA MET B 270 -5.97 -5.96 -15.56
C MET B 270 -7.22 -5.68 -14.75
N THR B 271 -8.41 -5.94 -15.32
CA THR B 271 -9.70 -5.59 -14.67
C THR B 271 -10.68 -6.77 -14.56
N ALA B 272 -10.58 -7.82 -15.36
CA ALA B 272 -11.60 -8.91 -15.43
C ALA B 272 -11.04 -10.17 -14.78
N PRO B 273 -11.87 -10.93 -14.03
CA PRO B 273 -11.43 -12.19 -13.44
C PRO B 273 -11.52 -13.28 -14.49
N PRO B 274 -10.83 -14.42 -14.31
CA PRO B 274 -11.05 -15.57 -15.18
C PRO B 274 -12.48 -16.11 -14.95
N GLU B 275 -13.14 -16.55 -16.02
CA GLU B 275 -14.57 -16.99 -16.02
C GLU B 275 -14.77 -18.15 -15.03
N ASP B 276 -13.78 -19.04 -14.87
CA ASP B 276 -13.81 -20.22 -13.95
C ASP B 276 -13.38 -19.82 -12.52
N GLY B 277 -12.99 -18.55 -12.26
CA GLY B 277 -12.58 -18.09 -10.92
C GLY B 277 -11.42 -18.90 -10.35
N ALA B 278 -10.54 -19.40 -11.19
CA ALA B 278 -9.38 -20.22 -10.75
C ALA B 278 -8.61 -19.47 -9.65
N GLY B 279 -8.48 -18.14 -9.76
CA GLY B 279 -7.69 -17.33 -8.81
C GLY B 279 -8.33 -17.26 -7.44
N ALA B 280 -9.63 -16.94 -7.43
CA ALA B 280 -10.44 -16.90 -6.20
C ALA B 280 -10.46 -18.30 -5.56
N ALA B 281 -10.49 -19.39 -6.35
CA ALA B 281 -10.46 -20.77 -5.81
C ALA B 281 -9.13 -21.04 -5.10
N ARG B 282 -7.99 -20.74 -5.73
CA ARG B 282 -6.65 -20.92 -5.11
C ARG B 282 -6.59 -20.15 -3.78
N CYS B 283 -7.07 -18.92 -3.80
CA CYS B 283 -7.01 -18.01 -2.64
C CYS B 283 -7.82 -18.60 -1.48
N MET B 284 -9.06 -19.00 -1.75
CA MET B 284 -9.91 -19.59 -0.69
C MET B 284 -9.23 -20.87 -0.13
N LYS B 285 -8.78 -21.77 -1.01
CA LYS B 285 -8.01 -23.00 -0.62
C LYS B 285 -6.80 -22.60 0.24
N ASN B 286 -6.05 -21.57 -0.16
CA ASN B 286 -4.88 -21.07 0.63
C ASN B 286 -5.35 -20.67 2.03
N ALA B 287 -6.52 -20.02 2.13
CA ALA B 287 -6.99 -19.46 3.40
C ALA B 287 -7.42 -20.60 4.34
N LEU B 288 -8.09 -21.60 3.78
CA LEU B 288 -8.61 -22.76 4.53
C LEU B 288 -7.42 -23.60 5.00
N ARG B 289 -6.41 -23.83 4.14
CA ARG B 289 -5.15 -24.50 4.54
C ARG B 289 -4.49 -23.71 5.68
N ASP B 290 -4.40 -22.38 5.54
CA ASP B 290 -3.85 -21.48 6.58
C ASP B 290 -4.60 -21.69 7.91
N ALA B 291 -5.92 -21.93 7.87
CA ALA B 291 -6.77 -22.09 9.08
C ALA B 291 -6.77 -23.53 9.60
N GLY B 292 -6.20 -24.47 8.86
CA GLY B 292 -6.24 -25.92 9.16
C GLY B 292 -7.65 -26.46 9.04
N LEU B 293 -8.49 -25.87 8.19
CA LEU B 293 -9.91 -26.27 8.06
C LEU B 293 -10.15 -26.97 6.72
N ASP B 294 -11.06 -27.96 6.74
N ASP B 294 -11.04 -27.96 6.72
CA ASP B 294 -11.65 -28.64 5.55
CA ASP B 294 -11.55 -28.61 5.49
C ASP B 294 -12.70 -27.70 4.96
C ASP B 294 -12.70 -27.77 4.95
N PRO B 295 -12.83 -27.61 3.61
CA PRO B 295 -13.92 -26.81 3.04
C PRO B 295 -15.31 -27.08 3.65
N ARG B 296 -15.59 -28.32 4.07
CA ARG B 296 -16.90 -28.74 4.66
C ARG B 296 -17.24 -27.93 5.91
N GLN B 297 -16.23 -27.39 6.59
CA GLN B 297 -16.46 -26.64 7.86
C GLN B 297 -16.93 -25.21 7.59
N VAL B 298 -16.92 -24.74 6.34
CA VAL B 298 -17.37 -23.35 6.06
C VAL B 298 -18.90 -23.30 6.01
N ASP B 299 -19.48 -22.35 6.73
CA ASP B 299 -20.96 -22.19 6.86
C ASP B 299 -21.46 -20.96 6.09
N TYR B 300 -20.67 -19.90 6.06
CA TYR B 300 -21.10 -18.59 5.51
C TYR B 300 -19.96 -17.98 4.70
N ILE B 301 -20.26 -17.45 3.53
CA ILE B 301 -19.29 -16.69 2.71
C ILE B 301 -19.90 -15.33 2.40
N ASN B 302 -19.23 -14.26 2.84
CA ASN B 302 -19.52 -12.90 2.37
C ASN B 302 -18.72 -12.73 1.07
N ALA B 303 -19.39 -12.89 -0.06
CA ALA B 303 -18.85 -12.83 -1.42
C ALA B 303 -18.29 -11.43 -1.69
N HIS B 304 -17.40 -11.32 -2.66
CA HIS B 304 -17.06 -10.02 -3.27
C HIS B 304 -18.34 -9.47 -3.93
N GLY B 305 -18.97 -10.27 -4.79
CA GLY B 305 -20.34 -10.08 -5.31
C GLY B 305 -20.61 -8.65 -5.75
N THR B 306 -19.84 -8.13 -6.71
CA THR B 306 -19.84 -6.69 -7.09
C THR B 306 -21.01 -6.31 -8.00
N SER B 307 -21.74 -7.28 -8.58
CA SER B 307 -22.82 -7.04 -9.57
C SER B 307 -22.26 -6.71 -10.96
N THR B 308 -21.06 -7.21 -11.27
CA THR B 308 -20.53 -7.25 -12.66
C THR B 308 -20.86 -8.60 -13.28
N PRO B 309 -21.15 -8.66 -14.59
CA PRO B 309 -21.43 -9.93 -15.25
C PRO B 309 -20.37 -11.00 -14.95
N ALA B 310 -19.10 -10.74 -15.26
CA ALA B 310 -18.03 -11.76 -15.21
C ALA B 310 -17.62 -12.05 -13.74
N GLY B 311 -17.55 -11.03 -12.87
CA GLY B 311 -17.12 -11.19 -11.47
C GLY B 311 -18.04 -12.14 -10.71
N ASP B 312 -19.35 -11.95 -10.81
CA ASP B 312 -20.35 -12.71 -10.01
C ASP B 312 -20.28 -14.19 -10.43
N ILE B 313 -20.23 -14.46 -11.74
CA ILE B 313 -20.23 -15.86 -12.26
C ILE B 313 -18.89 -16.54 -11.91
N ALA B 314 -17.77 -15.83 -11.96
CA ALA B 314 -16.45 -16.34 -11.54
C ALA B 314 -16.46 -16.85 -10.09
N GLU B 315 -17.15 -16.14 -9.19
N GLU B 315 -17.18 -16.14 -9.22
CA GLU B 315 -17.22 -16.49 -7.74
CA GLU B 315 -17.26 -16.45 -7.77
C GLU B 315 -18.07 -17.76 -7.53
C GLU B 315 -18.06 -17.73 -7.53
N ILE B 316 -19.18 -17.89 -8.25
CA ILE B 316 -19.99 -19.16 -8.23
C ILE B 316 -19.07 -20.32 -8.65
N ALA B 317 -18.42 -20.21 -9.81
CA ALA B 317 -17.50 -21.26 -10.29
C ALA B 317 -16.42 -21.56 -9.22
N ALA B 318 -15.84 -20.53 -8.61
CA ALA B 318 -14.77 -20.71 -7.59
C ALA B 318 -15.31 -21.50 -6.38
N VAL B 319 -16.48 -21.11 -5.89
CA VAL B 319 -17.10 -21.76 -4.69
C VAL B 319 -17.42 -23.24 -5.01
N LYS B 320 -18.02 -23.52 -6.16
CA LYS B 320 -18.35 -24.92 -6.60
C LYS B 320 -17.06 -25.74 -6.64
N SER B 321 -16.01 -25.18 -7.23
CA SER B 321 -14.67 -25.82 -7.36
C SER B 321 -14.08 -26.13 -5.98
N VAL B 322 -14.12 -25.18 -5.06
CA VAL B 322 -13.45 -25.37 -3.74
C VAL B 322 -14.30 -26.32 -2.87
N PHE B 323 -15.61 -26.18 -2.90
CA PHE B 323 -16.48 -26.74 -1.84
C PHE B 323 -17.18 -28.01 -2.31
N GLY B 324 -17.18 -28.30 -3.63
CA GLY B 324 -17.76 -29.52 -4.22
C GLY B 324 -19.15 -29.81 -3.65
N GLU B 325 -19.32 -30.96 -2.99
CA GLU B 325 -20.66 -31.45 -2.54
C GLU B 325 -21.13 -30.66 -1.30
N HIS B 326 -20.39 -29.63 -0.84
CA HIS B 326 -20.81 -28.76 0.29
C HIS B 326 -21.19 -27.36 -0.19
N ALA B 327 -20.99 -27.07 -1.47
CA ALA B 327 -21.19 -25.72 -2.08
C ALA B 327 -22.62 -25.22 -1.85
N HIS B 328 -23.61 -26.12 -1.79
CA HIS B 328 -25.05 -25.80 -1.64
C HIS B 328 -25.44 -25.71 -0.15
N ALA B 329 -24.67 -26.34 0.75
CA ALA B 329 -24.95 -26.37 2.21
C ALA B 329 -24.61 -25.03 2.84
N LEU B 330 -23.44 -24.44 2.52
CA LEU B 330 -23.06 -23.08 2.98
C LEU B 330 -24.03 -22.06 2.37
N SER B 331 -24.18 -20.93 3.04
CA SER B 331 -24.89 -19.74 2.51
C SER B 331 -23.84 -18.73 2.04
N MET B 332 -24.06 -18.11 0.89
CA MET B 332 -23.15 -17.05 0.38
C MET B 332 -24.00 -15.86 -0.02
N SER B 333 -23.66 -14.68 0.49
CA SER B 333 -24.38 -13.44 0.15
C SER B 333 -23.40 -12.28 -0.14
N SER B 334 -23.87 -11.37 -0.96
CA SER B 334 -23.20 -10.09 -1.27
C SER B 334 -23.94 -8.95 -0.58
N THR B 335 -23.33 -8.41 0.47
CA THR B 335 -23.80 -7.22 1.20
C THR B 335 -23.66 -6.01 0.27
N LYS B 336 -22.91 -6.12 -0.82
CA LYS B 336 -22.83 -5.04 -1.83
C LYS B 336 -24.19 -4.81 -2.50
N SER B 337 -25.12 -5.79 -2.46
CA SER B 337 -26.52 -5.61 -2.95
C SER B 337 -27.15 -4.42 -2.21
N MET B 338 -26.69 -4.14 -0.99
CA MET B 338 -27.20 -3.06 -0.10
C MET B 338 -26.23 -1.87 0.00
N THR B 339 -24.92 -2.12 0.16
CA THR B 339 -23.91 -1.09 0.49
C THR B 339 -23.33 -0.46 -0.79
N GLY B 340 -23.46 -1.15 -1.91
CA GLY B 340 -22.60 -0.90 -3.08
C GLY B 340 -21.17 -1.27 -2.78
N HIS B 341 -20.28 -0.88 -3.66
CA HIS B 341 -18.88 -1.37 -3.67
C HIS B 341 -18.02 -0.28 -3.07
N LEU B 342 -17.52 -0.46 -1.84
CA LEU B 342 -16.67 0.56 -1.16
C LEU B 342 -15.20 0.44 -1.61
N LEU B 343 -14.93 -0.28 -2.70
CA LEU B 343 -13.57 -0.42 -3.27
C LEU B 343 -12.60 -0.85 -2.16
N GLY B 344 -11.61 -0.03 -1.81
CA GLY B 344 -10.58 -0.43 -0.83
C GLY B 344 -11.14 -0.63 0.57
N ALA B 345 -12.32 -0.08 0.88
CA ALA B 345 -12.96 -0.30 2.19
C ALA B 345 -13.93 -1.50 2.13
N ALA B 346 -14.20 -2.08 0.96
CA ALA B 346 -15.22 -3.14 0.83
C ALA B 346 -14.83 -4.30 1.76
N GLY B 347 -13.59 -4.76 1.69
CA GLY B 347 -13.10 -5.88 2.51
C GLY B 347 -13.13 -5.59 4.00
N ALA B 348 -12.97 -4.33 4.41
CA ALA B 348 -12.99 -3.92 5.83
C ALA B 348 -14.43 -4.01 6.35
N VAL B 349 -15.40 -3.38 5.68
CA VAL B 349 -16.81 -3.40 6.16
C VAL B 349 -17.34 -4.85 6.03
N GLU B 350 -16.91 -5.61 5.03
CA GLU B 350 -17.47 -6.98 4.84
C GLU B 350 -16.86 -7.96 5.86
N ALA B 351 -15.61 -7.76 6.30
CA ALA B 351 -15.01 -8.49 7.45
C ALA B 351 -15.84 -8.24 8.71
N ILE B 352 -16.27 -6.99 8.95
CA ILE B 352 -17.14 -6.67 10.10
C ILE B 352 -18.48 -7.41 9.95
N PHE B 353 -19.09 -7.40 8.76
CA PHE B 353 -20.39 -8.08 8.53
C PHE B 353 -20.22 -9.59 8.75
N SER B 354 -19.06 -10.15 8.40
CA SER B 354 -18.74 -11.59 8.54
C SER B 354 -18.60 -11.95 10.01
N VAL B 355 -17.91 -11.11 10.77
CA VAL B 355 -17.79 -11.24 12.25
C VAL B 355 -19.18 -11.15 12.87
N LEU B 356 -20.02 -10.19 12.45
CA LEU B 356 -21.37 -10.02 13.06
C LEU B 356 -22.30 -11.18 12.64
N ALA B 357 -22.09 -11.80 11.47
CA ALA B 357 -22.87 -12.97 11.04
C ALA B 357 -22.63 -14.09 12.05
N LEU B 358 -21.40 -14.25 12.52
CA LEU B 358 -21.00 -15.21 13.57
C LEU B 358 -21.61 -14.86 14.93
N ARG B 359 -21.53 -13.61 15.35
CA ARG B 359 -22.14 -13.18 16.63
C ARG B 359 -23.65 -13.47 16.61
N ASP B 360 -24.37 -13.13 15.53
CA ASP B 360 -25.86 -13.11 15.54
C ASP B 360 -26.42 -14.38 14.86
N GLN B 361 -25.56 -15.28 14.37
CA GLN B 361 -25.97 -16.55 13.70
C GLN B 361 -27.01 -16.25 12.62
N VAL B 362 -26.65 -15.36 11.69
CA VAL B 362 -27.57 -14.97 10.60
C VAL B 362 -26.72 -14.62 9.37
N ALA B 363 -27.10 -15.17 8.23
CA ALA B 363 -26.59 -14.79 6.89
C ALA B 363 -27.32 -13.54 6.41
N PRO B 364 -26.59 -12.41 6.21
CA PRO B 364 -27.15 -11.24 5.57
C PRO B 364 -27.70 -11.59 4.19
N PRO B 365 -28.69 -10.84 3.69
CA PRO B 365 -29.28 -11.14 2.39
C PRO B 365 -28.47 -10.63 1.19
N THR B 366 -28.67 -11.26 0.05
CA THR B 366 -28.44 -10.62 -1.26
C THR B 366 -29.77 -10.05 -1.75
N ILE B 367 -30.01 -8.76 -1.56
CA ILE B 367 -31.25 -8.10 -2.06
C ILE B 367 -31.14 -7.98 -3.59
N ASN B 368 -32.29 -7.77 -4.23
CA ASN B 368 -32.44 -7.51 -5.68
C ASN B 368 -32.19 -8.79 -6.52
N LEU B 369 -32.11 -9.96 -5.88
CA LEU B 369 -31.78 -11.23 -6.59
C LEU B 369 -33.13 -11.84 -7.02
N ASP B 370 -33.77 -11.16 -7.96
CA ASP B 370 -35.16 -11.41 -8.47
C ASP B 370 -35.12 -12.61 -9.42
N ASN B 371 -34.10 -12.67 -10.29
CA ASN B 371 -33.95 -13.73 -11.31
C ASN B 371 -32.49 -14.16 -11.40
N PRO B 372 -32.08 -15.13 -10.55
CA PRO B 372 -30.75 -15.71 -10.61
C PRO B 372 -30.38 -16.05 -12.05
N ASP B 373 -29.11 -15.87 -12.38
CA ASP B 373 -28.58 -16.09 -13.74
C ASP B 373 -28.25 -17.58 -13.91
N GLU B 374 -28.00 -17.98 -15.16
CA GLU B 374 -27.51 -19.33 -15.52
C GLU B 374 -26.42 -19.78 -14.55
N GLY B 375 -26.65 -20.88 -13.83
CA GLY B 375 -25.65 -21.52 -12.98
C GLY B 375 -25.54 -20.88 -11.61
N CYS B 376 -26.30 -19.83 -11.33
CA CYS B 376 -26.29 -19.11 -10.03
C CYS B 376 -27.28 -19.79 -9.09
N ASP B 377 -27.12 -21.08 -8.85
CA ASP B 377 -28.14 -21.93 -8.16
C ASP B 377 -27.68 -22.30 -6.73
N LEU B 378 -26.72 -21.56 -6.16
CA LEU B 378 -26.28 -21.76 -4.75
C LEU B 378 -27.29 -21.10 -3.82
N ASP B 379 -27.12 -21.27 -2.51
CA ASP B 379 -27.95 -20.56 -1.50
C ASP B 379 -27.33 -19.15 -1.38
N LEU B 380 -27.89 -18.20 -2.11
CA LEU B 380 -27.34 -16.83 -2.22
C LEU B 380 -28.13 -15.90 -1.32
N VAL B 381 -28.99 -16.47 -0.45
CA VAL B 381 -29.73 -15.74 0.59
C VAL B 381 -30.52 -14.60 -0.07
N ALA B 382 -31.21 -14.90 -1.17
CA ALA B 382 -32.03 -13.91 -1.91
C ALA B 382 -33.01 -13.23 -0.95
N HIS B 383 -33.07 -11.90 -1.02
CA HIS B 383 -34.14 -11.00 -0.53
C HIS B 383 -34.06 -10.75 0.98
N GLU B 384 -33.90 -11.78 1.82
CA GLU B 384 -34.09 -11.63 3.29
C GLU B 384 -33.03 -12.41 4.05
N ALA B 385 -32.67 -11.91 5.23
CA ALA B 385 -31.69 -12.52 6.15
C ALA B 385 -32.16 -13.93 6.50
N LYS B 386 -31.22 -14.85 6.68
CA LYS B 386 -31.52 -16.26 6.99
C LYS B 386 -30.74 -16.61 8.27
N PRO B 387 -31.44 -16.71 9.42
CA PRO B 387 -30.83 -17.29 10.62
C PRO B 387 -30.38 -18.72 10.34
N ARG B 388 -29.19 -19.08 10.79
CA ARG B 388 -28.62 -20.41 10.56
C ARG B 388 -27.42 -20.58 11.48
N LYS B 389 -26.95 -21.81 11.59
CA LYS B 389 -25.69 -22.14 12.28
C LYS B 389 -24.54 -21.60 11.44
N ILE B 390 -23.67 -20.79 12.04
CA ILE B 390 -22.42 -20.29 11.39
C ILE B 390 -21.30 -20.44 12.42
N ASP B 391 -20.43 -21.43 12.23
CA ASP B 391 -19.21 -21.59 13.05
C ASP B 391 -18.03 -20.90 12.35
N VAL B 392 -17.98 -20.97 11.01
CA VAL B 392 -16.85 -20.49 10.17
C VAL B 392 -17.44 -19.64 9.04
N ALA B 393 -16.90 -18.42 8.87
CA ALA B 393 -17.35 -17.43 7.88
C ALA B 393 -16.12 -16.97 7.08
N LEU B 394 -16.24 -16.91 5.76
CA LEU B 394 -15.18 -16.42 4.84
C LEU B 394 -15.63 -15.06 4.34
N SER B 395 -14.66 -14.20 4.07
CA SER B 395 -14.90 -12.90 3.40
C SER B 395 -13.92 -12.86 2.25
N ASN B 396 -14.43 -12.71 1.03
CA ASN B 396 -13.60 -12.75 -0.19
C ASN B 396 -13.55 -11.36 -0.83
N SER B 397 -12.38 -10.99 -1.34
CA SER B 397 -12.18 -9.78 -2.16
C SER B 397 -11.31 -10.15 -3.35
N PHE B 398 -11.71 -9.72 -4.54
CA PHE B 398 -11.00 -9.92 -5.84
C PHE B 398 -10.92 -8.54 -6.51
N GLY B 399 -9.74 -8.08 -6.90
CA GLY B 399 -9.58 -6.68 -7.36
C GLY B 399 -8.82 -6.59 -8.66
N PHE B 400 -8.75 -5.38 -9.21
CA PHE B 400 -7.90 -5.03 -10.37
C PHE B 400 -6.49 -5.58 -10.15
N GLY B 401 -5.90 -6.06 -11.23
CA GLY B 401 -4.59 -6.73 -11.26
C GLY B 401 -4.73 -8.19 -10.91
N GLY B 402 -5.95 -8.68 -10.74
CA GLY B 402 -6.18 -10.10 -10.40
C GLY B 402 -5.72 -10.41 -8.99
N THR B 403 -5.78 -9.43 -8.09
CA THR B 403 -5.29 -9.59 -6.70
C THR B 403 -6.45 -10.12 -5.85
N ASN B 404 -6.23 -11.21 -5.10
CA ASN B 404 -7.30 -11.90 -4.35
C ASN B 404 -6.90 -11.92 -2.88
N GLY B 405 -7.90 -11.82 -2.02
CA GLY B 405 -7.74 -12.01 -0.57
C GLY B 405 -8.93 -12.75 -0.02
N THR B 406 -8.70 -13.63 0.96
CA THR B 406 -9.74 -14.36 1.70
C THR B 406 -9.37 -14.33 3.18
N LEU B 407 -10.32 -13.95 4.02
CA LEU B 407 -10.20 -14.01 5.50
C LEU B 407 -11.14 -15.11 6.00
N VAL B 408 -10.67 -15.90 6.97
CA VAL B 408 -11.44 -16.98 7.64
C VAL B 408 -11.58 -16.59 9.11
N PHE B 409 -12.82 -16.39 9.55
CA PHE B 409 -13.22 -16.11 10.93
C PHE B 409 -13.95 -17.35 11.46
N ARG B 410 -13.80 -17.60 12.74
CA ARG B 410 -14.47 -18.70 13.49
C ARG B 410 -15.08 -18.12 14.76
N ARG B 411 -16.21 -18.67 15.22
CA ARG B 411 -16.78 -18.32 16.56
C ARG B 411 -15.69 -18.56 17.62
N PHE B 412 -15.61 -17.70 18.62
CA PHE B 412 -14.66 -17.86 19.76
C PHE B 412 -15.43 -18.18 21.04
N ALA B 413 -15.05 -19.25 21.75
CA ALA B 413 -15.60 -19.63 23.07
C ALA B 413 -14.52 -20.38 23.88
C10 EJQ C . 18.17 -3.12 -21.45
C13 EJQ C . 20.79 -0.51 -21.36
C15 EJQ C . 18.85 -1.18 -20.02
C01 EJQ C . 15.58 -6.37 -19.49
C02 EJQ C . 14.64 -7.32 -19.10
C03 EJQ C . 13.49 -7.53 -19.92
C04 EJQ C . 13.26 -6.79 -21.07
C05 EJQ C . 14.20 -5.85 -21.45
C06 EJQ C . 15.36 -5.63 -20.68
C08 EJQ C . 17.41 -4.09 -20.53
C12 EJQ C . 20.23 -1.86 -21.86
C14 EJQ C . 19.86 -0.05 -20.26
F16 EJQ C . 12.64 -8.48 -19.59
N07 EJQ C . 16.31 -4.70 -21.15
N11 EJQ C . 19.30 -2.38 -20.81
O09 EJQ C . 17.77 -4.31 -19.38
S DMS D . 13.72 -11.88 6.74
O DMS D . 12.39 -11.87 7.47
C1 DMS D . 14.74 -10.69 7.58
C2 DMS D . 14.58 -13.33 7.30
S DMS E . 28.83 0.85 21.19
O DMS E . 30.20 0.79 20.56
C1 DMS E . 27.76 -0.26 20.25
C2 DMS E . 28.96 -0.13 22.69
S DMS F . -6.06 12.18 -20.98
O DMS F . -7.55 12.26 -20.74
C1 DMS F . -5.58 13.60 -21.94
C2 DMS F . -5.85 10.92 -22.24
S DMS G . -11.95 10.84 18.71
O DMS G . -12.07 9.60 19.54
C1 DMS G . -12.54 12.20 19.71
C2 DMS G . -10.22 11.29 18.77
S DMS H . 0.83 6.49 29.58
O DMS H . 1.56 5.24 30.09
C1 DMS H . -0.85 6.35 30.17
C2 DMS H . 1.37 7.80 30.63
S DMS I . -3.25 -15.37 11.51
O DMS I . -1.86 -15.56 10.95
C1 DMS I . -4.22 -14.69 10.18
C2 DMS I . -3.98 -16.98 11.53
S DMS J . -5.57 19.89 1.78
O DMS J . -5.43 19.89 0.28
C1 DMS J . -6.36 21.43 2.17
C2 DMS J . -6.95 18.85 2.21
S DMS K . -18.32 3.44 19.26
O DMS K . -17.10 2.58 18.98
C1 DMS K . -19.44 3.21 17.90
C2 DMS K . -17.88 5.10 18.90
S DMS L . -10.89 19.08 2.53
O DMS L . -11.23 17.64 2.69
C1 DMS L . -11.68 19.92 3.89
C2 DMS L . -11.94 19.67 1.22
S DMS M . -6.67 4.95 24.79
O DMS M . -5.45 4.60 25.60
C1 DMS M . -6.83 6.73 24.86
C2 DMS M . -8.09 4.56 25.80
P PO4 N . 0.45 -4.87 28.14
O1 PO4 N . 1.16 -3.74 28.85
O2 PO4 N . -0.01 -5.91 29.14
O3 PO4 N . -0.79 -4.30 27.39
O4 PO4 N . 1.43 -5.54 27.15
#